data_2G91
# 
_entry.id   2G91 
# 
_audit_conform.dict_name       mmcif_pdbx.dic 
_audit_conform.dict_version    5.387 
_audit_conform.dict_location   http://mmcif.pdb.org/dictionaries/ascii/mmcif_pdbx.dic 
# 
loop_
_database_2.database_id 
_database_2.database_code 
_database_2.pdbx_database_accession 
_database_2.pdbx_DOI 
PDB   2G91         pdb_00002g91 10.2210/pdb2g91/pdb 
NDB   AR0069       ?            ?                   
RCSB  RCSB036840   ?            ?                   
WWPDB D_1000036840 ?            ?                   
# 
loop_
_pdbx_audit_revision_history.ordinal 
_pdbx_audit_revision_history.data_content_type 
_pdbx_audit_revision_history.major_revision 
_pdbx_audit_revision_history.minor_revision 
_pdbx_audit_revision_history.revision_date 
1 'Structure model' 1 0 2007-04-03 
2 'Structure model' 1 1 2008-05-01 
3 'Structure model' 1 2 2011-07-13 
4 'Structure model' 1 3 2024-02-14 
# 
_pdbx_audit_revision_details.ordinal             1 
_pdbx_audit_revision_details.revision_ordinal    1 
_pdbx_audit_revision_details.data_content_type   'Structure model' 
_pdbx_audit_revision_details.provider            repository 
_pdbx_audit_revision_details.type                'Initial release' 
_pdbx_audit_revision_details.description         ? 
_pdbx_audit_revision_details.details             ? 
# 
loop_
_pdbx_audit_revision_group.ordinal 
_pdbx_audit_revision_group.revision_ordinal 
_pdbx_audit_revision_group.data_content_type 
_pdbx_audit_revision_group.group 
1 2 'Structure model' 'Version format compliance' 
2 3 'Structure model' 'Version format compliance' 
3 4 'Structure model' 'Data collection'           
4 4 'Structure model' 'Database references'       
5 4 'Structure model' 'Derived calculations'      
# 
loop_
_pdbx_audit_revision_category.ordinal 
_pdbx_audit_revision_category.revision_ordinal 
_pdbx_audit_revision_category.data_content_type 
_pdbx_audit_revision_category.category 
1 4 'Structure model' chem_comp_atom         
2 4 'Structure model' chem_comp_bond         
3 4 'Structure model' database_2             
4 4 'Structure model' pdbx_struct_conn_angle 
5 4 'Structure model' struct_conn            
6 4 'Structure model' struct_site            
# 
loop_
_pdbx_audit_revision_item.ordinal 
_pdbx_audit_revision_item.revision_ordinal 
_pdbx_audit_revision_item.data_content_type 
_pdbx_audit_revision_item.item 
1  4 'Structure model' '_database_2.pdbx_DOI'                        
2  4 'Structure model' '_database_2.pdbx_database_accession'         
3  4 'Structure model' '_pdbx_struct_conn_angle.ptnr1_auth_asym_id'  
4  4 'Structure model' '_pdbx_struct_conn_angle.ptnr1_auth_seq_id'   
5  4 'Structure model' '_pdbx_struct_conn_angle.ptnr1_label_asym_id' 
6  4 'Structure model' '_pdbx_struct_conn_angle.ptnr3_auth_asym_id'  
7  4 'Structure model' '_pdbx_struct_conn_angle.ptnr3_auth_seq_id'   
8  4 'Structure model' '_pdbx_struct_conn_angle.ptnr3_label_asym_id' 
9  4 'Structure model' '_pdbx_struct_conn_angle.value'               
10 4 'Structure model' '_struct_conn.conn_type_id'                   
11 4 'Structure model' '_struct_conn.id'                             
12 4 'Structure model' '_struct_conn.pdbx_dist_value'                
13 4 'Structure model' '_struct_conn.pdbx_leaving_atom_flag'         
14 4 'Structure model' '_struct_conn.ptnr1_auth_asym_id'             
15 4 'Structure model' '_struct_conn.ptnr1_auth_comp_id'             
16 4 'Structure model' '_struct_conn.ptnr1_auth_seq_id'              
17 4 'Structure model' '_struct_conn.ptnr1_label_asym_id'            
18 4 'Structure model' '_struct_conn.ptnr1_label_atom_id'            
19 4 'Structure model' '_struct_conn.ptnr1_label_comp_id'            
20 4 'Structure model' '_struct_conn.ptnr1_label_seq_id'             
21 4 'Structure model' '_struct_conn.ptnr2_auth_asym_id'             
22 4 'Structure model' '_struct_conn.ptnr2_auth_comp_id'             
23 4 'Structure model' '_struct_conn.ptnr2_auth_seq_id'              
24 4 'Structure model' '_struct_conn.ptnr2_label_asym_id'            
25 4 'Structure model' '_struct_conn.ptnr2_label_atom_id'            
26 4 'Structure model' '_struct_conn.ptnr2_label_comp_id'            
27 4 'Structure model' '_struct_conn.ptnr2_label_seq_id'             
28 4 'Structure model' '_struct_site.pdbx_auth_asym_id'              
29 4 'Structure model' '_struct_site.pdbx_auth_comp_id'              
30 4 'Structure model' '_struct_site.pdbx_auth_seq_id'               
# 
_pdbx_database_status.status_code                     REL 
_pdbx_database_status.entry_id                        2G91 
_pdbx_database_status.recvd_initial_deposition_date   2006-03-04 
_pdbx_database_status.deposit_site                    RCSB 
_pdbx_database_status.process_site                    RCSB 
_pdbx_database_status.status_code_sf                  ? 
_pdbx_database_status.status_code_mr                  ? 
_pdbx_database_status.SG_entry                        ? 
_pdbx_database_status.pdb_format_compatible           Y 
_pdbx_database_status.status_code_cs                  ? 
_pdbx_database_status.status_code_nmr_data            ? 
_pdbx_database_status.methods_development_category    ? 
# 
loop_
_audit_author.name 
_audit_author.pdbx_ordinal 
'Shi, K.'           1 
'Pan, B.'           2 
'Sundaralingam, M.' 3 
# 
_citation.id                        primary 
_citation.title                     'Crystal Structure of an RNA nonamer r(GGUGCGC)d(BrC)r(C) at 1.5 A resolution' 
_citation.journal_abbrev            'To be Published' 
_citation.journal_volume            ? 
_citation.page_first                ? 
_citation.page_last                 ? 
_citation.year                      ? 
_citation.journal_id_ASTM           ? 
_citation.country                   ? 
_citation.journal_id_ISSN           ? 
_citation.journal_id_CSD            0353 
_citation.book_publisher            ? 
_citation.pdbx_database_id_PubMed   ? 
_citation.pdbx_database_id_DOI      ? 
# 
loop_
_citation_author.citation_id 
_citation_author.name 
_citation_author.ordinal 
_citation_author.identifier_ORCID 
primary 'Shi, K.'           1 ? 
primary 'Pan, B.'           2 ? 
primary 'Sundaralingam, M.' 3 ? 
# 
loop_
_entity.id 
_entity.type 
_entity.src_method 
_entity.pdbx_description 
_entity.formula_weight 
_entity.pdbx_number_of_molecules 
_entity.pdbx_ec 
_entity.pdbx_mutation 
_entity.pdbx_fragment 
_entity.details 
1 polymer     syn "5'-R(*GP*GP*UP*GP*CP*GP*CP*(CBR)P*C-3'" 2925.655 2  ? ? ? ? 
2 non-polymer syn 'MAGNESIUM ION'                          24.305   2  ? ? ? ? 
3 water       nat water                                    18.015   88 ? ? ? ? 
# 
_entity_poly.entity_id                      1 
_entity_poly.type                           polyribonucleotide 
_entity_poly.nstd_linkage                   no 
_entity_poly.nstd_monomer                   yes 
_entity_poly.pdbx_seq_one_letter_code       'GGUGCGC(CBR)C' 
_entity_poly.pdbx_seq_one_letter_code_can   GGUGCGCCC 
_entity_poly.pdbx_strand_id                 A,B 
_entity_poly.pdbx_target_identifier         ? 
# 
loop_
_pdbx_entity_nonpoly.entity_id 
_pdbx_entity_nonpoly.name 
_pdbx_entity_nonpoly.comp_id 
2 'MAGNESIUM ION' MG  
3 water           HOH 
# 
loop_
_entity_poly_seq.entity_id 
_entity_poly_seq.num 
_entity_poly_seq.mon_id 
_entity_poly_seq.hetero 
1 1 G   n 
1 2 G   n 
1 3 U   n 
1 4 G   n 
1 5 C   n 
1 6 G   n 
1 7 C   n 
1 8 CBR n 
1 9 C   n 
# 
loop_
_chem_comp.id 
_chem_comp.type 
_chem_comp.mon_nstd_flag 
_chem_comp.name 
_chem_comp.pdbx_synonyms 
_chem_comp.formula 
_chem_comp.formula_weight 
C   'RNA linking' y "CYTIDINE-5'-MONOPHOSPHATE"                  ? 'C9 H14 N3 O8 P'    323.197 
CBR 'DNA linking' n "5-BROMO-2'-DEOXY-CYTIDINE-5'-MONOPHOSPHATE" ? 'C9 H13 Br N3 O7 P' 386.093 
G   'RNA linking' y "GUANOSINE-5'-MONOPHOSPHATE"                 ? 'C10 H14 N5 O8 P'   363.221 
HOH non-polymer   . WATER                                        ? 'H2 O'              18.015  
MG  non-polymer   . 'MAGNESIUM ION'                              ? 'Mg 2'              24.305  
U   'RNA linking' y "URIDINE-5'-MONOPHOSPHATE"                   ? 'C9 H13 N2 O9 P'    324.181 
# 
loop_
_pdbx_poly_seq_scheme.asym_id 
_pdbx_poly_seq_scheme.entity_id 
_pdbx_poly_seq_scheme.seq_id 
_pdbx_poly_seq_scheme.mon_id 
_pdbx_poly_seq_scheme.ndb_seq_num 
_pdbx_poly_seq_scheme.pdb_seq_num 
_pdbx_poly_seq_scheme.auth_seq_num 
_pdbx_poly_seq_scheme.pdb_mon_id 
_pdbx_poly_seq_scheme.auth_mon_id 
_pdbx_poly_seq_scheme.pdb_strand_id 
_pdbx_poly_seq_scheme.pdb_ins_code 
_pdbx_poly_seq_scheme.hetero 
A 1 1 G   1 1  1  G   GUA A . n 
A 1 2 G   2 2  2  G   GUA A . n 
A 1 3 U   3 3  3  U   URI A . n 
A 1 4 G   4 4  4  G   GUA A . n 
A 1 5 C   5 5  5  C   CYT A . n 
A 1 6 G   6 6  6  G   GUA A . n 
A 1 7 C   7 7  7  C   CYT A . n 
A 1 8 CBR 8 8  8  CBR CYT A . n 
A 1 9 C   9 9  9  C   CYT A . n 
B 1 1 G   1 10 10 G   GUA B . n 
B 1 2 G   2 11 11 G   GUA B . n 
B 1 3 U   3 12 12 U   URI B . n 
B 1 4 G   4 13 13 G   GUA B . n 
B 1 5 C   5 14 14 C   CYT B . n 
B 1 6 G   6 15 15 G   GUA B . n 
B 1 7 C   7 16 16 C   CYT B . n 
B 1 8 CBR 8 17 17 CBR CYT B . n 
B 1 9 C   9 18 ?  ?   ?   B . n 
# 
loop_
_pdbx_nonpoly_scheme.asym_id 
_pdbx_nonpoly_scheme.entity_id 
_pdbx_nonpoly_scheme.mon_id 
_pdbx_nonpoly_scheme.ndb_seq_num 
_pdbx_nonpoly_scheme.pdb_seq_num 
_pdbx_nonpoly_scheme.auth_seq_num 
_pdbx_nonpoly_scheme.pdb_mon_id 
_pdbx_nonpoly_scheme.auth_mon_id 
_pdbx_nonpoly_scheme.pdb_strand_id 
_pdbx_nonpoly_scheme.pdb_ins_code 
C 2 MG  1  191 191 MG  MG2 A . 
D 2 MG  1  192 192 MG  MG2 B . 
E 3 HOH 1  107 107 HOH WAT A . 
E 3 HOH 2  108 108 HOH WAT A . 
E 3 HOH 3  109 109 HOH WAT A . 
E 3 HOH 4  110 110 HOH WAT A . 
E 3 HOH 5  111 111 HOH WAT A . 
E 3 HOH 6  112 112 HOH WAT A . 
E 3 HOH 7  113 113 HOH WAT A . 
E 3 HOH 8  114 114 HOH WAT A . 
E 3 HOH 9  115 115 HOH WAT A . 
E 3 HOH 10 116 116 HOH WAT A . 
E 3 HOH 11 117 117 HOH WAT A . 
E 3 HOH 12 118 118 HOH WAT A . 
E 3 HOH 13 119 119 HOH WAT A . 
E 3 HOH 14 120 120 HOH WAT A . 
E 3 HOH 15 121 121 HOH WAT A . 
E 3 HOH 16 127 127 HOH WAT A . 
E 3 HOH 17 131 131 HOH WAT A . 
E 3 HOH 18 132 132 HOH WAT A . 
E 3 HOH 19 133 133 HOH WAT A . 
E 3 HOH 20 135 135 HOH WAT A . 
E 3 HOH 21 137 137 HOH WAT A . 
E 3 HOH 22 139 139 HOH WAT A . 
E 3 HOH 23 140 140 HOH WAT A . 
E 3 HOH 24 144 144 HOH WAT A . 
E 3 HOH 25 145 145 HOH WAT A . 
E 3 HOH 26 148 148 HOH WAT A . 
E 3 HOH 27 149 149 HOH WAT A . 
E 3 HOH 28 150 150 HOH WAT A . 
E 3 HOH 29 151 151 HOH WAT A . 
E 3 HOH 30 152 152 HOH WAT A . 
E 3 HOH 31 153 153 HOH WAT A . 
E 3 HOH 32 154 154 HOH WAT A . 
E 3 HOH 33 155 155 HOH WAT A . 
E 3 HOH 34 156 156 HOH WAT A . 
E 3 HOH 35 162 162 HOH WAT A . 
E 3 HOH 36 165 165 HOH WAT A . 
E 3 HOH 37 168 168 HOH WAT A . 
E 3 HOH 38 170 170 HOH WAT A . 
E 3 HOH 39 171 171 HOH WAT A . 
E 3 HOH 40 172 172 HOH WAT A . 
E 3 HOH 41 175 175 HOH WAT A . 
E 3 HOH 42 176 176 HOH WAT A . 
E 3 HOH 43 177 177 HOH WAT A . 
E 3 HOH 44 179 179 HOH WAT A . 
E 3 HOH 45 180 180 HOH WAT A . 
E 3 HOH 46 183 183 HOH WAT A . 
E 3 HOH 47 184 184 HOH WAT A . 
E 3 HOH 48 186 186 HOH WAT A . 
F 3 HOH 1  101 101 HOH WAT B . 
F 3 HOH 2  102 102 HOH WAT B . 
F 3 HOH 3  103 103 HOH WAT B . 
F 3 HOH 4  104 104 HOH WAT B . 
F 3 HOH 5  105 105 HOH WAT B . 
F 3 HOH 6  106 106 HOH WAT B . 
F 3 HOH 7  122 122 HOH WAT B . 
F 3 HOH 8  123 123 HOH WAT B . 
F 3 HOH 9  124 124 HOH WAT B . 
F 3 HOH 10 125 125 HOH WAT B . 
F 3 HOH 11 126 126 HOH WAT B . 
F 3 HOH 12 128 128 HOH WAT B . 
F 3 HOH 13 129 129 HOH WAT B . 
F 3 HOH 14 130 130 HOH WAT B . 
F 3 HOH 15 134 134 HOH WAT B . 
F 3 HOH 16 136 136 HOH WAT B . 
F 3 HOH 17 138 138 HOH WAT B . 
F 3 HOH 18 141 141 HOH WAT B . 
F 3 HOH 19 142 142 HOH WAT B . 
F 3 HOH 20 143 143 HOH WAT B . 
F 3 HOH 21 157 157 HOH WAT B . 
F 3 HOH 22 158 158 HOH WAT B . 
F 3 HOH 23 159 159 HOH WAT B . 
F 3 HOH 24 160 160 HOH WAT B . 
F 3 HOH 25 161 161 HOH WAT B . 
F 3 HOH 26 163 163 HOH WAT B . 
F 3 HOH 27 164 164 HOH WAT B . 
F 3 HOH 28 166 166 HOH WAT B . 
F 3 HOH 29 167 167 HOH WAT B . 
F 3 HOH 30 169 169 HOH WAT B . 
F 3 HOH 31 173 173 HOH WAT B . 
F 3 HOH 32 174 174 HOH WAT B . 
F 3 HOH 33 178 178 HOH WAT B . 
F 3 HOH 34 181 181 HOH WAT B . 
F 3 HOH 35 182 182 HOH WAT B . 
F 3 HOH 36 185 185 HOH WAT B . 
F 3 HOH 37 187 187 HOH WAT B . 
F 3 HOH 38 188 188 HOH WAT B . 
F 3 HOH 39 189 189 HOH WAT B . 
F 3 HOH 40 190 190 HOH WAT B . 
# 
loop_
_software.name 
_software.classification 
_software.version 
_software.citation_id 
_software.pdbx_ordinal 
DENZO     'data reduction' .   ? 1 
SCALEPACK 'data scaling'   .   ? 2 
X-PLOR    'model building' .   ? 3 
CNS       refinement       1.0 ? 4 
X-PLOR    phasing          .   ? 5 
# 
_cell.entry_id           2G91 
_cell.length_a           44.830 
_cell.length_b           44.830 
_cell.length_c           125.910 
_cell.angle_alpha        90.00 
_cell.angle_beta         90.00 
_cell.angle_gamma        120.00 
_cell.Z_PDB              36 
_cell.pdbx_unique_axis   ? 
_cell.length_a_esd       ? 
_cell.length_b_esd       ? 
_cell.length_c_esd       ? 
_cell.angle_alpha_esd    ? 
_cell.angle_beta_esd     ? 
_cell.angle_gamma_esd    ? 
# 
_symmetry.entry_id                         2G91 
_symmetry.space_group_name_H-M             'H 3 2' 
_symmetry.pdbx_full_space_group_name_H-M   ? 
_symmetry.cell_setting                     ? 
_symmetry.Int_Tables_number                155 
_symmetry.space_group_name_Hall            ? 
# 
_exptl.entry_id          2G91 
_exptl.method            'X-RAY DIFFRACTION' 
_exptl.crystals_number   1 
# 
_exptl_crystal.id                    1 
_exptl_crystal.density_meas          ? 
_exptl_crystal.density_Matthews      2.08 
_exptl_crystal.density_percent_sol   40.88 
_exptl_crystal.description           ? 
_exptl_crystal.F_000                 ? 
_exptl_crystal.preparation           ? 
# 
_diffrn.id                     1 
_diffrn.ambient_temp           298.0 
_diffrn.ambient_temp_details   ? 
_diffrn.crystal_id             1 
# 
_diffrn_detector.diffrn_id              1 
_diffrn_detector.detector               'IMAGE PLATE' 
_diffrn_detector.type                   'RIGAKU RAXIS IIC' 
_diffrn_detector.pdbx_collection_date   2000-12-15 
_diffrn_detector.details                ? 
# 
_diffrn_radiation.diffrn_id                        1 
_diffrn_radiation.wavelength_id                    1 
_diffrn_radiation.pdbx_monochromatic_or_laue_m_l   M 
_diffrn_radiation.monochromator                    GRAPHITE 
_diffrn_radiation.pdbx_diffrn_protocol             'SINGLE WAVELENGTH' 
_diffrn_radiation.pdbx_scattering_type             x-ray 
# 
_diffrn_radiation_wavelength.id           1 
_diffrn_radiation_wavelength.wavelength   1.5418 
_diffrn_radiation_wavelength.wt           1.0 
# 
_diffrn_source.diffrn_id                   1 
_diffrn_source.source                      'ROTATING ANODE' 
_diffrn_source.type                        'RIGAKU RU200' 
_diffrn_source.pdbx_synchrotron_site       ? 
_diffrn_source.pdbx_synchrotron_beamline   ? 
_diffrn_source.pdbx_wavelength             ? 
_diffrn_source.pdbx_wavelength_list        1.5418 
# 
_reflns.entry_id                     2G91 
_reflns.observed_criterion_sigma_I   0 
_reflns.observed_criterion_sigma_F   0 
_reflns.d_resolution_low             10 
_reflns.d_resolution_high            1.5 
_reflns.number_obs                   7557 
_reflns.number_all                   8097 
_reflns.percent_possible_obs         91.2 
_reflns.pdbx_Rmerge_I_obs            ? 
_reflns.pdbx_Rsym_value              ? 
_reflns.pdbx_netI_over_sigmaI        ? 
_reflns.B_iso_Wilson_estimate        ? 
_reflns.pdbx_redundancy              ? 
_reflns.R_free_details               ? 
_reflns.pdbx_chi_squared             ? 
_reflns.pdbx_scaling_rejects         ? 
_reflns.pdbx_diffrn_id               1 
_reflns.pdbx_ordinal                 1 
# 
_reflns_shell.d_res_high             1.5 
_reflns_shell.d_res_low              1.56 
_reflns_shell.percent_possible_all   73.5 
_reflns_shell.Rmerge_I_obs           ? 
_reflns_shell.pdbx_Rsym_value        ? 
_reflns_shell.meanI_over_sigI_obs    ? 
_reflns_shell.pdbx_redundancy        ? 
_reflns_shell.percent_possible_obs   ? 
_reflns_shell.number_unique_all      ? 
_reflns_shell.number_measured_all    ? 
_reflns_shell.number_measured_obs    ? 
_reflns_shell.number_unique_obs      ? 
_reflns_shell.pdbx_chi_squared       ? 
_reflns_shell.pdbx_diffrn_id         ? 
_reflns_shell.pdbx_ordinal           1 
# 
_refine.entry_id                                 2G91 
_refine.ls_number_reflns_obs                     6599 
_refine.ls_number_reflns_all                     7382 
_refine.pdbx_ls_sigma_I                          ? 
_refine.pdbx_ls_sigma_F                          2 
_refine.pdbx_data_cutoff_high_absF               ? 
_refine.pdbx_data_cutoff_low_absF                ? 
_refine.pdbx_data_cutoff_high_rms_absF           ? 
_refine.ls_d_res_low                             10 
_refine.ls_d_res_high                            1.5 
_refine.ls_percent_reflns_obs                    ? 
_refine.ls_R_factor_obs                          0.1902 
_refine.ls_R_factor_all                          0.1945 
_refine.ls_R_factor_R_work                       0.1868 
_refine.ls_R_factor_R_free                       0.2289 
_refine.ls_R_factor_R_free_error                 ? 
_refine.ls_R_factor_R_free_error_details         ? 
_refine.ls_percent_reflns_R_free                 ? 
_refine.ls_number_reflns_R_free                  783 
_refine.ls_number_parameters                     ? 
_refine.ls_number_restraints                     ? 
_refine.occupancy_min                            ? 
_refine.occupancy_max                            ? 
_refine.correlation_coeff_Fo_to_Fc               ? 
_refine.correlation_coeff_Fo_to_Fc_free          ? 
_refine.B_iso_mean                               ? 
_refine.aniso_B[1][1]                            ? 
_refine.aniso_B[2][2]                            ? 
_refine.aniso_B[3][3]                            ? 
_refine.aniso_B[1][2]                            ? 
_refine.aniso_B[1][3]                            ? 
_refine.aniso_B[2][3]                            ? 
_refine.solvent_model_details                    ? 
_refine.solvent_model_param_ksol                 ? 
_refine.solvent_model_param_bsol                 ? 
_refine.pdbx_solvent_vdw_probe_radii             ? 
_refine.pdbx_solvent_ion_probe_radii             ? 
_refine.pdbx_solvent_shrinkage_radii             ? 
_refine.pdbx_ls_cross_valid_method               ? 
_refine.details                                  ? 
_refine.pdbx_starting_model                      ? 
_refine.pdbx_method_to_determine_struct          'FOURIER SYNTHESIS' 
_refine.pdbx_isotropic_thermal_model             ? 
_refine.pdbx_stereochemistry_target_values       'Engh & Huber' 
_refine.pdbx_stereochem_target_val_spec_case     ? 
_refine.pdbx_R_Free_selection_details            RANDOM 
_refine.pdbx_overall_ESU_R                       ? 
_refine.pdbx_overall_ESU_R_Free                  ? 
_refine.overall_SU_ML                            ? 
_refine.overall_SU_B                             ? 
_refine.ls_redundancy_reflns_obs                 ? 
_refine.overall_SU_R_Cruickshank_DPI             ? 
_refine.overall_SU_R_free                        ? 
_refine.ls_wR_factor_R_free                      ? 
_refine.ls_wR_factor_R_work                      ? 
_refine.overall_FOM_free_R_set                   ? 
_refine.overall_FOM_work_R_set                   ? 
_refine.pdbx_refine_id                           'X-RAY DIFFRACTION' 
_refine.pdbx_diffrn_id                           1 
_refine.pdbx_TLS_residual_ADP_flag               ? 
_refine.pdbx_overall_phase_error                 ? 
_refine.pdbx_overall_SU_R_free_Cruickshank_DPI   ? 
_refine.pdbx_overall_SU_R_Blow_DPI               ? 
_refine.pdbx_overall_SU_R_free_Blow_DPI          ? 
# 
_refine_hist.pdbx_refine_id                   'X-RAY DIFFRACTION' 
_refine_hist.cycle_id                         LAST 
_refine_hist.pdbx_number_atoms_protein        0 
_refine_hist.pdbx_number_atoms_nucleic_acid   358 
_refine_hist.pdbx_number_atoms_ligand         2 
_refine_hist.number_atoms_solvent             88 
_refine_hist.number_atoms_total               448 
_refine_hist.d_res_high                       1.5 
_refine_hist.d_res_low                        10 
# 
_struct.entry_id                  2G91 
_struct.title                     'Crystal Structure Analysis of the an RNA nonamer r(GGUGCGC)d(BrC)r(C)' 
_struct.pdbx_model_details        ? 
_struct.pdbx_CASP_flag            ? 
_struct.pdbx_model_type_details   ? 
# 
_struct_keywords.entry_id        2G91 
_struct_keywords.pdbx_keywords   RNA 
_struct_keywords.text            'RNA DOUBLE HELIX, RNA' 
# 
loop_
_struct_asym.id 
_struct_asym.pdbx_blank_PDB_chainid_flag 
_struct_asym.pdbx_modified 
_struct_asym.entity_id 
_struct_asym.details 
A N N 1 ? 
B N N 1 ? 
C N N 2 ? 
D N N 2 ? 
E N N 3 ? 
F N N 3 ? 
# 
_struct_ref.id                         1 
_struct_ref.entity_id                  1 
_struct_ref.db_name                    PDB 
_struct_ref.db_code                    2G91 
_struct_ref.pdbx_db_accession          2G91 
_struct_ref.pdbx_db_isoform            ? 
_struct_ref.pdbx_seq_one_letter_code   ? 
_struct_ref.pdbx_align_begin           ? 
# 
loop_
_struct_ref_seq.align_id 
_struct_ref_seq.ref_id 
_struct_ref_seq.pdbx_PDB_id_code 
_struct_ref_seq.pdbx_strand_id 
_struct_ref_seq.seq_align_beg 
_struct_ref_seq.pdbx_seq_align_beg_ins_code 
_struct_ref_seq.seq_align_end 
_struct_ref_seq.pdbx_seq_align_end_ins_code 
_struct_ref_seq.pdbx_db_accession 
_struct_ref_seq.db_align_beg 
_struct_ref_seq.pdbx_db_align_beg_ins_code 
_struct_ref_seq.db_align_end 
_struct_ref_seq.pdbx_db_align_end_ins_code 
_struct_ref_seq.pdbx_auth_seq_align_beg 
_struct_ref_seq.pdbx_auth_seq_align_end 
1 1 2G91 A 1 ? 9 ? 2G91 1  ? 9  ? 1  9  
2 1 2G91 B 1 ? 9 ? 2G91 10 ? 18 ? 10 18 
# 
_pdbx_struct_assembly.id                   1 
_pdbx_struct_assembly.details              author_defined_assembly 
_pdbx_struct_assembly.method_details       ? 
_pdbx_struct_assembly.oligomeric_details   dimeric 
_pdbx_struct_assembly.oligomeric_count     2 
# 
_pdbx_struct_assembly_gen.assembly_id       1 
_pdbx_struct_assembly_gen.oper_expression   1 
_pdbx_struct_assembly_gen.asym_id_list      A,B,C,D,E,F 
# 
_pdbx_struct_oper_list.id                   1 
_pdbx_struct_oper_list.type                 'identity operation' 
_pdbx_struct_oper_list.name                 1_555 
_pdbx_struct_oper_list.symmetry_operation   x,y,z 
_pdbx_struct_oper_list.matrix[1][1]         1.0000000000 
_pdbx_struct_oper_list.matrix[1][2]         0.0000000000 
_pdbx_struct_oper_list.matrix[1][3]         0.0000000000 
_pdbx_struct_oper_list.vector[1]            0.0000000000 
_pdbx_struct_oper_list.matrix[2][1]         0.0000000000 
_pdbx_struct_oper_list.matrix[2][2]         1.0000000000 
_pdbx_struct_oper_list.matrix[2][3]         0.0000000000 
_pdbx_struct_oper_list.vector[2]            0.0000000000 
_pdbx_struct_oper_list.matrix[3][1]         0.0000000000 
_pdbx_struct_oper_list.matrix[3][2]         0.0000000000 
_pdbx_struct_oper_list.matrix[3][3]         1.0000000000 
_pdbx_struct_oper_list.vector[3]            0.0000000000 
# 
loop_
_struct_conn.id 
_struct_conn.conn_type_id 
_struct_conn.pdbx_leaving_atom_flag 
_struct_conn.pdbx_PDB_id 
_struct_conn.ptnr1_label_asym_id 
_struct_conn.ptnr1_label_comp_id 
_struct_conn.ptnr1_label_seq_id 
_struct_conn.ptnr1_label_atom_id 
_struct_conn.pdbx_ptnr1_label_alt_id 
_struct_conn.pdbx_ptnr1_PDB_ins_code 
_struct_conn.pdbx_ptnr1_standard_comp_id 
_struct_conn.ptnr1_symmetry 
_struct_conn.ptnr2_label_asym_id 
_struct_conn.ptnr2_label_comp_id 
_struct_conn.ptnr2_label_seq_id 
_struct_conn.ptnr2_label_atom_id 
_struct_conn.pdbx_ptnr2_label_alt_id 
_struct_conn.pdbx_ptnr2_PDB_ins_code 
_struct_conn.ptnr1_auth_asym_id 
_struct_conn.ptnr1_auth_comp_id 
_struct_conn.ptnr1_auth_seq_id 
_struct_conn.ptnr2_auth_asym_id 
_struct_conn.ptnr2_auth_comp_id 
_struct_conn.ptnr2_auth_seq_id 
_struct_conn.ptnr2_symmetry 
_struct_conn.pdbx_ptnr3_label_atom_id 
_struct_conn.pdbx_ptnr3_label_seq_id 
_struct_conn.pdbx_ptnr3_label_comp_id 
_struct_conn.pdbx_ptnr3_label_asym_id 
_struct_conn.pdbx_ptnr3_label_alt_id 
_struct_conn.pdbx_ptnr3_PDB_ins_code 
_struct_conn.details 
_struct_conn.pdbx_dist_value 
_struct_conn.pdbx_value_order 
_struct_conn.pdbx_role 
covale1  covale both ? A C   7 "O3'" ? ? ? 1_555 A CBR 8 P  ? ? A C   7   A CBR 8   1_555 ? ? ? ? ? ? ?            1.612 ? ? 
covale2  covale both ? A CBR 8 "O3'" ? ? ? 1_555 A C   9 P  ? ? A CBR 8   A C   9   1_555 ? ? ? ? ? ? ?            1.610 ? ? 
covale3  covale both ? B C   7 "O3'" ? ? ? 1_555 B CBR 8 P  ? ? B C   16  B CBR 17  1_555 ? ? ? ? ? ? ?            1.609 ? ? 
metalc1  metalc ?    ? E HOH . O     ? ? ? 1_555 C MG  . MG ? ? A HOH 116 A MG  191 1_555 ? ? ? ? ? ? ?            1.963 ? ? 
metalc2  metalc ?    ? E HOH . O     ? ? ? 1_555 C MG  . MG ? ? A HOH 120 A MG  191 1_555 ? ? ? ? ? ? ?            2.127 ? ? 
metalc3  metalc ?    ? E HOH . O     ? ? ? 1_555 D MG  . MG ? ? A HOH 139 B MG  192 1_555 ? ? ? ? ? ? ?            2.038 ? ? 
metalc4  metalc ?    ? E HOH . O     ? ? ? 1_555 D MG  . MG ? ? A HOH 140 B MG  192 1_555 ? ? ? ? ? ? ?            2.066 ? ? 
metalc5  metalc ?    ? E HOH . O     ? ? ? 1_555 C MG  . MG ? ? A HOH 162 A MG  191 1_555 ? ? ? ? ? ? ?            2.192 ? ? 
metalc6  metalc ?    ? E HOH . O     ? ? ? 1_555 C MG  . MG ? ? A HOH 180 A MG  191 1_555 ? ? ? ? ? ? ?            2.184 ? ? 
metalc7  metalc ?    ? E HOH . O     ? ? ? 1_555 C MG  . MG ? ? A HOH 184 A MG  191 1_555 ? ? ? ? ? ? ?            2.251 ? ? 
metalc8  metalc ?    ? C MG  . MG    ? ? ? 1_555 F HOH . O  ? ? A MG  191 B HOH 122 1_555 ? ? ? ? ? ? ?            2.312 ? ? 
metalc9  metalc ?    ? F HOH . O     ? ? ? 1_555 D MG  . MG ? ? B HOH 138 B MG  192 1_555 ? ? ? ? ? ? ?            2.052 ? ? 
metalc10 metalc ?    ? F HOH . O     ? ? ? 1_555 D MG  . MG ? ? B HOH 141 B MG  192 1_555 ? ? ? ? ? ? ?            2.096 ? ? 
hydrog1  hydrog ?    ? A G   1 N1    ? ? ? 1_555 B CBR 8 N3 ? ? A G   1   B CBR 17  1_555 ? ? ? ? ? ? WATSON-CRICK ?     ? ? 
hydrog2  hydrog ?    ? A G   1 N2    ? ? ? 1_555 B CBR 8 O2 ? ? A G   1   B CBR 17  1_555 ? ? ? ? ? ? WATSON-CRICK ?     ? ? 
hydrog3  hydrog ?    ? A G   1 O6    ? ? ? 1_555 B CBR 8 N4 ? ? A G   1   B CBR 17  1_555 ? ? ? ? ? ? WATSON-CRICK ?     ? ? 
hydrog4  hydrog ?    ? A G   2 N1    ? ? ? 1_555 B C   7 N3 ? ? A G   2   B C   16  1_555 ? ? ? ? ? ? WATSON-CRICK ?     ? ? 
hydrog5  hydrog ?    ? A G   2 N2    ? ? ? 1_555 B C   7 O2 ? ? A G   2   B C   16  1_555 ? ? ? ? ? ? WATSON-CRICK ?     ? ? 
hydrog6  hydrog ?    ? A G   2 O6    ? ? ? 1_555 B C   7 N4 ? ? A G   2   B C   16  1_555 ? ? ? ? ? ? WATSON-CRICK ?     ? ? 
hydrog7  hydrog ?    ? A U   3 N3    ? ? ? 1_555 B G   6 O6 ? ? A U   3   B G   15  1_555 ? ? ? ? ? ? TYPE_28_PAIR ?     ? ? 
hydrog8  hydrog ?    ? A U   3 O2    ? ? ? 1_555 B G   6 N1 ? ? A U   3   B G   15  1_555 ? ? ? ? ? ? TYPE_28_PAIR ?     ? ? 
hydrog9  hydrog ?    ? A G   4 N1    ? ? ? 1_555 B C   5 N3 ? ? A G   4   B C   14  1_555 ? ? ? ? ? ? WATSON-CRICK ?     ? ? 
hydrog10 hydrog ?    ? A G   4 N2    ? ? ? 1_555 B C   5 O2 ? ? A G   4   B C   14  1_555 ? ? ? ? ? ? WATSON-CRICK ?     ? ? 
hydrog11 hydrog ?    ? A G   4 O6    ? ? ? 1_555 B C   5 N4 ? ? A G   4   B C   14  1_555 ? ? ? ? ? ? WATSON-CRICK ?     ? ? 
hydrog12 hydrog ?    ? A C   5 N3    ? ? ? 1_555 B G   4 N1 ? ? A C   5   B G   13  1_555 ? ? ? ? ? ? WATSON-CRICK ?     ? ? 
hydrog13 hydrog ?    ? A C   5 N4    ? ? ? 1_555 B G   4 O6 ? ? A C   5   B G   13  1_555 ? ? ? ? ? ? WATSON-CRICK ?     ? ? 
hydrog14 hydrog ?    ? A C   5 O2    ? ? ? 1_555 B G   4 N2 ? ? A C   5   B G   13  1_555 ? ? ? ? ? ? WATSON-CRICK ?     ? ? 
hydrog15 hydrog ?    ? A G   6 N1    ? ? ? 1_555 B U   3 O2 ? ? A G   6   B U   12  1_555 ? ? ? ? ? ? TYPE_28_PAIR ?     ? ? 
hydrog16 hydrog ?    ? A G   6 O6    ? ? ? 1_555 B U   3 N3 ? ? A G   6   B U   12  1_555 ? ? ? ? ? ? TYPE_28_PAIR ?     ? ? 
hydrog17 hydrog ?    ? A C   7 N3    ? ? ? 1_555 B G   2 N1 ? ? A C   7   B G   11  1_555 ? ? ? ? ? ? WATSON-CRICK ?     ? ? 
hydrog18 hydrog ?    ? A C   7 N4    ? ? ? 1_555 B G   2 O6 ? ? A C   7   B G   11  1_555 ? ? ? ? ? ? WATSON-CRICK ?     ? ? 
hydrog19 hydrog ?    ? A C   7 O2    ? ? ? 1_555 B G   2 N2 ? ? A C   7   B G   11  1_555 ? ? ? ? ? ? WATSON-CRICK ?     ? ? 
hydrog20 hydrog ?    ? A CBR 8 N3    ? ? ? 1_555 B G   1 N1 ? ? A CBR 8   B G   10  1_555 ? ? ? ? ? ? WATSON-CRICK ?     ? ? 
hydrog21 hydrog ?    ? A CBR 8 N4    ? ? ? 1_555 B G   1 O6 ? ? A CBR 8   B G   10  1_555 ? ? ? ? ? ? WATSON-CRICK ?     ? ? 
hydrog22 hydrog ?    ? A CBR 8 O2    ? ? ? 1_555 B G   1 N2 ? ? A CBR 8   B G   10  1_555 ? ? ? ? ? ? WATSON-CRICK ?     ? ? 
# 
loop_
_struct_conn_type.id 
_struct_conn_type.criteria 
_struct_conn_type.reference 
covale ? ? 
metalc ? ? 
hydrog ? ? 
# 
loop_
_pdbx_struct_conn_angle.id 
_pdbx_struct_conn_angle.ptnr1_label_atom_id 
_pdbx_struct_conn_angle.ptnr1_label_alt_id 
_pdbx_struct_conn_angle.ptnr1_label_asym_id 
_pdbx_struct_conn_angle.ptnr1_label_comp_id 
_pdbx_struct_conn_angle.ptnr1_label_seq_id 
_pdbx_struct_conn_angle.ptnr1_auth_atom_id 
_pdbx_struct_conn_angle.ptnr1_auth_asym_id 
_pdbx_struct_conn_angle.ptnr1_auth_comp_id 
_pdbx_struct_conn_angle.ptnr1_auth_seq_id 
_pdbx_struct_conn_angle.ptnr1_PDB_ins_code 
_pdbx_struct_conn_angle.ptnr1_symmetry 
_pdbx_struct_conn_angle.ptnr2_label_atom_id 
_pdbx_struct_conn_angle.ptnr2_label_alt_id 
_pdbx_struct_conn_angle.ptnr2_label_asym_id 
_pdbx_struct_conn_angle.ptnr2_label_comp_id 
_pdbx_struct_conn_angle.ptnr2_label_seq_id 
_pdbx_struct_conn_angle.ptnr2_auth_atom_id 
_pdbx_struct_conn_angle.ptnr2_auth_asym_id 
_pdbx_struct_conn_angle.ptnr2_auth_comp_id 
_pdbx_struct_conn_angle.ptnr2_auth_seq_id 
_pdbx_struct_conn_angle.ptnr2_PDB_ins_code 
_pdbx_struct_conn_angle.ptnr2_symmetry 
_pdbx_struct_conn_angle.ptnr3_label_atom_id 
_pdbx_struct_conn_angle.ptnr3_label_alt_id 
_pdbx_struct_conn_angle.ptnr3_label_asym_id 
_pdbx_struct_conn_angle.ptnr3_label_comp_id 
_pdbx_struct_conn_angle.ptnr3_label_seq_id 
_pdbx_struct_conn_angle.ptnr3_auth_atom_id 
_pdbx_struct_conn_angle.ptnr3_auth_asym_id 
_pdbx_struct_conn_angle.ptnr3_auth_comp_id 
_pdbx_struct_conn_angle.ptnr3_auth_seq_id 
_pdbx_struct_conn_angle.ptnr3_PDB_ins_code 
_pdbx_struct_conn_angle.ptnr3_symmetry 
_pdbx_struct_conn_angle.value 
_pdbx_struct_conn_angle.value_esd 
1  O ? E HOH . ? A HOH 116 ? 1_555 MG ? C MG . ? A MG 191 ? 1_555 O ? E HOH . ? A HOH 120 ? 1_555 87.6  ? 
2  O ? E HOH . ? A HOH 116 ? 1_555 MG ? C MG . ? A MG 191 ? 1_555 O ? E HOH . ? A HOH 162 ? 1_555 89.6  ? 
3  O ? E HOH . ? A HOH 120 ? 1_555 MG ? C MG . ? A MG 191 ? 1_555 O ? E HOH . ? A HOH 162 ? 1_555 102.4 ? 
4  O ? E HOH . ? A HOH 116 ? 1_555 MG ? C MG . ? A MG 191 ? 1_555 O ? E HOH . ? A HOH 180 ? 1_555 91.7  ? 
5  O ? E HOH . ? A HOH 120 ? 1_555 MG ? C MG . ? A MG 191 ? 1_555 O ? E HOH . ? A HOH 180 ? 1_555 97.2  ? 
6  O ? E HOH . ? A HOH 162 ? 1_555 MG ? C MG . ? A MG 191 ? 1_555 O ? E HOH . ? A HOH 180 ? 1_555 160.3 ? 
7  O ? E HOH . ? A HOH 116 ? 1_555 MG ? C MG . ? A MG 191 ? 1_555 O ? E HOH . ? A HOH 184 ? 1_555 110.2 ? 
8  O ? E HOH . ? A HOH 120 ? 1_555 MG ? C MG . ? A MG 191 ? 1_555 O ? E HOH . ? A HOH 184 ? 1_555 161.2 ? 
9  O ? E HOH . ? A HOH 162 ? 1_555 MG ? C MG . ? A MG 191 ? 1_555 O ? E HOH . ? A HOH 184 ? 1_555 84.3  ? 
10 O ? E HOH . ? A HOH 180 ? 1_555 MG ? C MG . ? A MG 191 ? 1_555 O ? E HOH . ? A HOH 184 ? 1_555 76.8  ? 
11 O ? E HOH . ? A HOH 116 ? 1_555 MG ? C MG . ? A MG 191 ? 1_555 O ? F HOH . ? B HOH 122 ? 1_555 173.0 ? 
12 O ? E HOH . ? A HOH 120 ? 1_555 MG ? C MG . ? A MG 191 ? 1_555 O ? F HOH . ? B HOH 122 ? 1_555 89.3  ? 
13 O ? E HOH . ? A HOH 162 ? 1_555 MG ? C MG . ? A MG 191 ? 1_555 O ? F HOH . ? B HOH 122 ? 1_555 85.0  ? 
14 O ? E HOH . ? A HOH 180 ? 1_555 MG ? C MG . ? A MG 191 ? 1_555 O ? F HOH . ? B HOH 122 ? 1_555 94.9  ? 
15 O ? E HOH . ? A HOH 184 ? 1_555 MG ? C MG . ? A MG 191 ? 1_555 O ? F HOH . ? B HOH 122 ? 1_555 73.7  ? 
16 O ? E HOH . ? A HOH 139 ? 1_555 MG ? D MG . ? B MG 192 ? 1_555 O ? E HOH . ? A HOH 140 ? 1_555 85.1  ? 
17 O ? E HOH . ? A HOH 139 ? 1_555 MG ? D MG . ? B MG 192 ? 1_555 O ? F HOH . ? B HOH 138 ? 1_555 165.8 ? 
18 O ? E HOH . ? A HOH 140 ? 1_555 MG ? D MG . ? B MG 192 ? 1_555 O ? F HOH . ? B HOH 138 ? 1_555 90.3  ? 
19 O ? E HOH . ? A HOH 139 ? 1_555 MG ? D MG . ? B MG 192 ? 1_555 O ? F HOH . ? B HOH 141 ? 1_555 95.2  ? 
20 O ? E HOH . ? A HOH 140 ? 1_555 MG ? D MG . ? B MG 192 ? 1_555 O ? F HOH . ? B HOH 141 ? 1_555 177.0 ? 
21 O ? F HOH . ? B HOH 138 ? 1_555 MG ? D MG . ? B MG 192 ? 1_555 O ? F HOH . ? B HOH 141 ? 1_555 88.6  ? 
# 
loop_
_struct_site.id 
_struct_site.pdbx_evidence_code 
_struct_site.pdbx_auth_asym_id 
_struct_site.pdbx_auth_comp_id 
_struct_site.pdbx_auth_seq_id 
_struct_site.pdbx_auth_ins_code 
_struct_site.pdbx_num_residues 
_struct_site.details 
AC1 Software A MG 191 ? 6 'BINDING SITE FOR RESIDUE MG A 191' 
AC2 Software B MG 192 ? 4 'BINDING SITE FOR RESIDUE MG B 192' 
# 
loop_
_struct_site_gen.id 
_struct_site_gen.site_id 
_struct_site_gen.pdbx_num_res 
_struct_site_gen.label_comp_id 
_struct_site_gen.label_asym_id 
_struct_site_gen.label_seq_id 
_struct_site_gen.pdbx_auth_ins_code 
_struct_site_gen.auth_comp_id 
_struct_site_gen.auth_asym_id 
_struct_site_gen.auth_seq_id 
_struct_site_gen.label_atom_id 
_struct_site_gen.label_alt_id 
_struct_site_gen.symmetry 
_struct_site_gen.details 
1  AC1 6 HOH E . ? HOH A 116 . ? 1_555 ? 
2  AC1 6 HOH E . ? HOH A 120 . ? 1_555 ? 
3  AC1 6 HOH E . ? HOH A 162 . ? 1_555 ? 
4  AC1 6 HOH E . ? HOH A 180 . ? 1_555 ? 
5  AC1 6 HOH E . ? HOH A 184 . ? 1_555 ? 
6  AC1 6 HOH F . ? HOH B 122 . ? 1_555 ? 
7  AC2 4 HOH E . ? HOH A 139 . ? 1_555 ? 
8  AC2 4 HOH E . ? HOH A 140 . ? 1_555 ? 
9  AC2 4 HOH F . ? HOH B 138 . ? 1_555 ? 
10 AC2 4 HOH F . ? HOH B 141 . ? 1_555 ? 
# 
loop_
_pdbx_struct_mod_residue.id 
_pdbx_struct_mod_residue.label_asym_id 
_pdbx_struct_mod_residue.label_comp_id 
_pdbx_struct_mod_residue.label_seq_id 
_pdbx_struct_mod_residue.auth_asym_id 
_pdbx_struct_mod_residue.auth_comp_id 
_pdbx_struct_mod_residue.auth_seq_id 
_pdbx_struct_mod_residue.PDB_ins_code 
_pdbx_struct_mod_residue.parent_comp_id 
_pdbx_struct_mod_residue.details 
1 A CBR 8 A CBR 8  ? DC ? 
2 B CBR 8 B CBR 17 ? DC ? 
# 
_pdbx_unobs_or_zero_occ_residues.id               1 
_pdbx_unobs_or_zero_occ_residues.PDB_model_num    1 
_pdbx_unobs_or_zero_occ_residues.polymer_flag     Y 
_pdbx_unobs_or_zero_occ_residues.occupancy_flag   1 
_pdbx_unobs_or_zero_occ_residues.auth_asym_id     B 
_pdbx_unobs_or_zero_occ_residues.auth_comp_id     C 
_pdbx_unobs_or_zero_occ_residues.auth_seq_id      18 
_pdbx_unobs_or_zero_occ_residues.PDB_ins_code     ? 
_pdbx_unobs_or_zero_occ_residues.label_asym_id    B 
_pdbx_unobs_or_zero_occ_residues.label_comp_id    C 
_pdbx_unobs_or_zero_occ_residues.label_seq_id     9 
# 
loop_
_chem_comp_atom.comp_id 
_chem_comp_atom.atom_id 
_chem_comp_atom.type_symbol 
_chem_comp_atom.pdbx_aromatic_flag 
_chem_comp_atom.pdbx_stereo_config 
_chem_comp_atom.pdbx_ordinal 
C   OP3    O  N N 1   
C   P      P  N N 2   
C   OP1    O  N N 3   
C   OP2    O  N N 4   
C   "O5'"  O  N N 5   
C   "C5'"  C  N N 6   
C   "C4'"  C  N R 7   
C   "O4'"  O  N N 8   
C   "C3'"  C  N S 9   
C   "O3'"  O  N N 10  
C   "C2'"  C  N R 11  
C   "O2'"  O  N N 12  
C   "C1'"  C  N R 13  
C   N1     N  N N 14  
C   C2     C  N N 15  
C   O2     O  N N 16  
C   N3     N  N N 17  
C   C4     C  N N 18  
C   N4     N  N N 19  
C   C5     C  N N 20  
C   C6     C  N N 21  
C   HOP3   H  N N 22  
C   HOP2   H  N N 23  
C   "H5'"  H  N N 24  
C   "H5''" H  N N 25  
C   "H4'"  H  N N 26  
C   "H3'"  H  N N 27  
C   "HO3'" H  N N 28  
C   "H2'"  H  N N 29  
C   "HO2'" H  N N 30  
C   "H1'"  H  N N 31  
C   H41    H  N N 32  
C   H42    H  N N 33  
C   H5     H  N N 34  
C   H6     H  N N 35  
CBR BR     BR N N 36  
CBR P      P  N N 37  
CBR OP1    O  N N 38  
CBR OP2    O  N N 39  
CBR "O5'"  O  N N 40  
CBR N1     N  N N 41  
CBR C6     C  N N 42  
CBR C2     C  N N 43  
CBR O2     O  N N 44  
CBR N3     N  N N 45  
CBR C4     C  N N 46  
CBR N4     N  N N 47  
CBR C5     C  N N 48  
CBR "C2'"  C  N N 49  
CBR "C5'"  C  N N 50  
CBR "C4'"  C  N R 51  
CBR "O4'"  O  N N 52  
CBR "C1'"  C  N R 53  
CBR "C3'"  C  N S 54  
CBR "O3'"  O  N N 55  
CBR OP3    O  N N 56  
CBR HOP2   H  N N 57  
CBR H6     H  N N 58  
CBR H41    H  N N 59  
CBR H42    H  N N 60  
CBR "H2'"  H  N N 61  
CBR "H2''" H  N N 62  
CBR "H5'"  H  N N 63  
CBR "H5''" H  N N 64  
CBR "H4'"  H  N N 65  
CBR "H1'"  H  N N 66  
CBR "H3'"  H  N N 67  
CBR "HO3'" H  N N 68  
CBR HOP3   H  N N 69  
G   OP3    O  N N 70  
G   P      P  N N 71  
G   OP1    O  N N 72  
G   OP2    O  N N 73  
G   "O5'"  O  N N 74  
G   "C5'"  C  N N 75  
G   "C4'"  C  N R 76  
G   "O4'"  O  N N 77  
G   "C3'"  C  N S 78  
G   "O3'"  O  N N 79  
G   "C2'"  C  N R 80  
G   "O2'"  O  N N 81  
G   "C1'"  C  N R 82  
G   N9     N  Y N 83  
G   C8     C  Y N 84  
G   N7     N  Y N 85  
G   C5     C  Y N 86  
G   C6     C  N N 87  
G   O6     O  N N 88  
G   N1     N  N N 89  
G   C2     C  N N 90  
G   N2     N  N N 91  
G   N3     N  N N 92  
G   C4     C  Y N 93  
G   HOP3   H  N N 94  
G   HOP2   H  N N 95  
G   "H5'"  H  N N 96  
G   "H5''" H  N N 97  
G   "H4'"  H  N N 98  
G   "H3'"  H  N N 99  
G   "HO3'" H  N N 100 
G   "H2'"  H  N N 101 
G   "HO2'" H  N N 102 
G   "H1'"  H  N N 103 
G   H8     H  N N 104 
G   H1     H  N N 105 
G   H21    H  N N 106 
G   H22    H  N N 107 
HOH O      O  N N 108 
HOH H1     H  N N 109 
HOH H2     H  N N 110 
MG  MG     MG N N 111 
U   OP3    O  N N 112 
U   P      P  N N 113 
U   OP1    O  N N 114 
U   OP2    O  N N 115 
U   "O5'"  O  N N 116 
U   "C5'"  C  N N 117 
U   "C4'"  C  N R 118 
U   "O4'"  O  N N 119 
U   "C3'"  C  N S 120 
U   "O3'"  O  N N 121 
U   "C2'"  C  N R 122 
U   "O2'"  O  N N 123 
U   "C1'"  C  N R 124 
U   N1     N  N N 125 
U   C2     C  N N 126 
U   O2     O  N N 127 
U   N3     N  N N 128 
U   C4     C  N N 129 
U   O4     O  N N 130 
U   C5     C  N N 131 
U   C6     C  N N 132 
U   HOP3   H  N N 133 
U   HOP2   H  N N 134 
U   "H5'"  H  N N 135 
U   "H5''" H  N N 136 
U   "H4'"  H  N N 137 
U   "H3'"  H  N N 138 
U   "HO3'" H  N N 139 
U   "H2'"  H  N N 140 
U   "HO2'" H  N N 141 
U   "H1'"  H  N N 142 
U   H3     H  N N 143 
U   H5     H  N N 144 
U   H6     H  N N 145 
# 
loop_
_chem_comp_bond.comp_id 
_chem_comp_bond.atom_id_1 
_chem_comp_bond.atom_id_2 
_chem_comp_bond.value_order 
_chem_comp_bond.pdbx_aromatic_flag 
_chem_comp_bond.pdbx_stereo_config 
_chem_comp_bond.pdbx_ordinal 
C   OP3   P      sing N N 1   
C   OP3   HOP3   sing N N 2   
C   P     OP1    doub N N 3   
C   P     OP2    sing N N 4   
C   P     "O5'"  sing N N 5   
C   OP2   HOP2   sing N N 6   
C   "O5'" "C5'"  sing N N 7   
C   "C5'" "C4'"  sing N N 8   
C   "C5'" "H5'"  sing N N 9   
C   "C5'" "H5''" sing N N 10  
C   "C4'" "O4'"  sing N N 11  
C   "C4'" "C3'"  sing N N 12  
C   "C4'" "H4'"  sing N N 13  
C   "O4'" "C1'"  sing N N 14  
C   "C3'" "O3'"  sing N N 15  
C   "C3'" "C2'"  sing N N 16  
C   "C3'" "H3'"  sing N N 17  
C   "O3'" "HO3'" sing N N 18  
C   "C2'" "O2'"  sing N N 19  
C   "C2'" "C1'"  sing N N 20  
C   "C2'" "H2'"  sing N N 21  
C   "O2'" "HO2'" sing N N 22  
C   "C1'" N1     sing N N 23  
C   "C1'" "H1'"  sing N N 24  
C   N1    C2     sing N N 25  
C   N1    C6     sing N N 26  
C   C2    O2     doub N N 27  
C   C2    N3     sing N N 28  
C   N3    C4     doub N N 29  
C   C4    N4     sing N N 30  
C   C4    C5     sing N N 31  
C   N4    H41    sing N N 32  
C   N4    H42    sing N N 33  
C   C5    C6     doub N N 34  
C   C5    H5     sing N N 35  
C   C6    H6     sing N N 36  
CBR BR    C5     sing N N 37  
CBR P     OP1    doub N N 38  
CBR P     OP2    sing N N 39  
CBR P     "O5'"  sing N N 40  
CBR P     OP3    sing N N 41  
CBR OP2   HOP2   sing N N 42  
CBR "O5'" "C5'"  sing N N 43  
CBR N1    C6     sing N N 44  
CBR N1    C2     sing N N 45  
CBR N1    "C1'"  sing N N 46  
CBR C6    C5     doub N N 47  
CBR C6    H6     sing N N 48  
CBR C2    O2     doub N N 49  
CBR C2    N3     sing N N 50  
CBR N3    C4     doub N N 51  
CBR C4    N4     sing N N 52  
CBR C4    C5     sing N N 53  
CBR N4    H41    sing N N 54  
CBR N4    H42    sing N N 55  
CBR "C2'" "C1'"  sing N N 56  
CBR "C2'" "C3'"  sing N N 57  
CBR "C2'" "H2'"  sing N N 58  
CBR "C2'" "H2''" sing N N 59  
CBR "C5'" "C4'"  sing N N 60  
CBR "C5'" "H5'"  sing N N 61  
CBR "C5'" "H5''" sing N N 62  
CBR "C4'" "O4'"  sing N N 63  
CBR "C4'" "C3'"  sing N N 64  
CBR "C4'" "H4'"  sing N N 65  
CBR "O4'" "C1'"  sing N N 66  
CBR "C1'" "H1'"  sing N N 67  
CBR "C3'" "O3'"  sing N N 68  
CBR "C3'" "H3'"  sing N N 69  
CBR "O3'" "HO3'" sing N N 70  
CBR OP3   HOP3   sing N N 71  
G   OP3   P      sing N N 72  
G   OP3   HOP3   sing N N 73  
G   P     OP1    doub N N 74  
G   P     OP2    sing N N 75  
G   P     "O5'"  sing N N 76  
G   OP2   HOP2   sing N N 77  
G   "O5'" "C5'"  sing N N 78  
G   "C5'" "C4'"  sing N N 79  
G   "C5'" "H5'"  sing N N 80  
G   "C5'" "H5''" sing N N 81  
G   "C4'" "O4'"  sing N N 82  
G   "C4'" "C3'"  sing N N 83  
G   "C4'" "H4'"  sing N N 84  
G   "O4'" "C1'"  sing N N 85  
G   "C3'" "O3'"  sing N N 86  
G   "C3'" "C2'"  sing N N 87  
G   "C3'" "H3'"  sing N N 88  
G   "O3'" "HO3'" sing N N 89  
G   "C2'" "O2'"  sing N N 90  
G   "C2'" "C1'"  sing N N 91  
G   "C2'" "H2'"  sing N N 92  
G   "O2'" "HO2'" sing N N 93  
G   "C1'" N9     sing N N 94  
G   "C1'" "H1'"  sing N N 95  
G   N9    C8     sing Y N 96  
G   N9    C4     sing Y N 97  
G   C8    N7     doub Y N 98  
G   C8    H8     sing N N 99  
G   N7    C5     sing Y N 100 
G   C5    C6     sing N N 101 
G   C5    C4     doub Y N 102 
G   C6    O6     doub N N 103 
G   C6    N1     sing N N 104 
G   N1    C2     sing N N 105 
G   N1    H1     sing N N 106 
G   C2    N2     sing N N 107 
G   C2    N3     doub N N 108 
G   N2    H21    sing N N 109 
G   N2    H22    sing N N 110 
G   N3    C4     sing N N 111 
HOH O     H1     sing N N 112 
HOH O     H2     sing N N 113 
U   OP3   P      sing N N 114 
U   OP3   HOP3   sing N N 115 
U   P     OP1    doub N N 116 
U   P     OP2    sing N N 117 
U   P     "O5'"  sing N N 118 
U   OP2   HOP2   sing N N 119 
U   "O5'" "C5'"  sing N N 120 
U   "C5'" "C4'"  sing N N 121 
U   "C5'" "H5'"  sing N N 122 
U   "C5'" "H5''" sing N N 123 
U   "C4'" "O4'"  sing N N 124 
U   "C4'" "C3'"  sing N N 125 
U   "C4'" "H4'"  sing N N 126 
U   "O4'" "C1'"  sing N N 127 
U   "C3'" "O3'"  sing N N 128 
U   "C3'" "C2'"  sing N N 129 
U   "C3'" "H3'"  sing N N 130 
U   "O3'" "HO3'" sing N N 131 
U   "C2'" "O2'"  sing N N 132 
U   "C2'" "C1'"  sing N N 133 
U   "C2'" "H2'"  sing N N 134 
U   "O2'" "HO2'" sing N N 135 
U   "C1'" N1     sing N N 136 
U   "C1'" "H1'"  sing N N 137 
U   N1    C2     sing N N 138 
U   N1    C6     sing N N 139 
U   C2    O2     doub N N 140 
U   C2    N3     sing N N 141 
U   N3    C4     sing N N 142 
U   N3    H3     sing N N 143 
U   C4    O4     doub N N 144 
U   C4    C5     sing N N 145 
U   C5    C6     doub N N 146 
U   C5    H5     sing N N 147 
U   C6    H6     sing N N 148 
# 
loop_
_ndb_struct_conf_na.entry_id 
_ndb_struct_conf_na.feature 
2G91 'a-form double helix'  
2G91 'mismatched base pair' 
# 
loop_
_ndb_struct_na_base_pair.model_number 
_ndb_struct_na_base_pair.i_label_asym_id 
_ndb_struct_na_base_pair.i_label_comp_id 
_ndb_struct_na_base_pair.i_label_seq_id 
_ndb_struct_na_base_pair.i_symmetry 
_ndb_struct_na_base_pair.j_label_asym_id 
_ndb_struct_na_base_pair.j_label_comp_id 
_ndb_struct_na_base_pair.j_label_seq_id 
_ndb_struct_na_base_pair.j_symmetry 
_ndb_struct_na_base_pair.shear 
_ndb_struct_na_base_pair.stretch 
_ndb_struct_na_base_pair.stagger 
_ndb_struct_na_base_pair.buckle 
_ndb_struct_na_base_pair.propeller 
_ndb_struct_na_base_pair.opening 
_ndb_struct_na_base_pair.pair_number 
_ndb_struct_na_base_pair.pair_name 
_ndb_struct_na_base_pair.i_auth_asym_id 
_ndb_struct_na_base_pair.i_auth_seq_id 
_ndb_struct_na_base_pair.i_PDB_ins_code 
_ndb_struct_na_base_pair.j_auth_asym_id 
_ndb_struct_na_base_pair.j_auth_seq_id 
_ndb_struct_na_base_pair.j_PDB_ins_code 
_ndb_struct_na_base_pair.hbond_type_28 
_ndb_struct_na_base_pair.hbond_type_12 
1 A G   1 1_555 B CBR 8 1_555 -0.279 -0.067 0.208  1.141  -8.670  -2.120 1 A_G1:CBR17_B A 1 ? B 17 ? 19 1 
1 A G   2 1_555 B C   7 1_555 -0.226 -0.080 0.050  -0.379 -15.326 1.715  2 A_G2:C16_B   A 2 ? B 16 ? 19 1 
1 A U   3 1_555 B G   6 1_555 2.336  -0.412 0.236  -3.415 -15.631 2.439  3 A_U3:G15_B   A 3 ? B 15 ? 28 ? 
1 A G   4 1_555 B C   5 1_555 -0.195 -0.066 -0.004 -2.455 -11.588 -0.105 4 A_G4:C14_B   A 4 ? B 14 ? 19 1 
1 A C   5 1_555 B G   4 1_555 0.246  -0.074 0.050  1.873  -8.597  -2.461 5 A_C5:G13_B   A 5 ? B 13 ? 19 1 
1 A G   6 1_555 B U   3 1_555 -2.281 -0.466 0.072  0.539  -16.413 1.924  6 A_G6:U12_B   A 6 ? B 12 ? 28 ? 
1 A C   7 1_555 B G   2 1_555 0.175  -0.010 0.126  -0.438 -15.839 2.882  7 A_C7:G11_B   A 7 ? B 11 ? 19 1 
1 A CBR 8 1_555 B G   1 1_555 0.199  -0.099 0.023  -0.648 -12.655 -1.297 8 A_CBR8:G10_B A 8 ? B 10 ? 19 1 
# 
loop_
_ndb_struct_na_base_pair_step.model_number 
_ndb_struct_na_base_pair_step.i_label_asym_id_1 
_ndb_struct_na_base_pair_step.i_label_comp_id_1 
_ndb_struct_na_base_pair_step.i_label_seq_id_1 
_ndb_struct_na_base_pair_step.i_symmetry_1 
_ndb_struct_na_base_pair_step.j_label_asym_id_1 
_ndb_struct_na_base_pair_step.j_label_comp_id_1 
_ndb_struct_na_base_pair_step.j_label_seq_id_1 
_ndb_struct_na_base_pair_step.j_symmetry_1 
_ndb_struct_na_base_pair_step.i_label_asym_id_2 
_ndb_struct_na_base_pair_step.i_label_comp_id_2 
_ndb_struct_na_base_pair_step.i_label_seq_id_2 
_ndb_struct_na_base_pair_step.i_symmetry_2 
_ndb_struct_na_base_pair_step.j_label_asym_id_2 
_ndb_struct_na_base_pair_step.j_label_comp_id_2 
_ndb_struct_na_base_pair_step.j_label_seq_id_2 
_ndb_struct_na_base_pair_step.j_symmetry_2 
_ndb_struct_na_base_pair_step.shift 
_ndb_struct_na_base_pair_step.slide 
_ndb_struct_na_base_pair_step.rise 
_ndb_struct_na_base_pair_step.tilt 
_ndb_struct_na_base_pair_step.roll 
_ndb_struct_na_base_pair_step.twist 
_ndb_struct_na_base_pair_step.x_displacement 
_ndb_struct_na_base_pair_step.y_displacement 
_ndb_struct_na_base_pair_step.helical_rise 
_ndb_struct_na_base_pair_step.inclination 
_ndb_struct_na_base_pair_step.tip 
_ndb_struct_na_base_pair_step.helical_twist 
_ndb_struct_na_base_pair_step.step_number 
_ndb_struct_na_base_pair_step.step_name 
_ndb_struct_na_base_pair_step.i_auth_asym_id_1 
_ndb_struct_na_base_pair_step.i_auth_seq_id_1 
_ndb_struct_na_base_pair_step.i_PDB_ins_code_1 
_ndb_struct_na_base_pair_step.j_auth_asym_id_1 
_ndb_struct_na_base_pair_step.j_auth_seq_id_1 
_ndb_struct_na_base_pair_step.j_PDB_ins_code_1 
_ndb_struct_na_base_pair_step.i_auth_asym_id_2 
_ndb_struct_na_base_pair_step.i_auth_seq_id_2 
_ndb_struct_na_base_pair_step.i_PDB_ins_code_2 
_ndb_struct_na_base_pair_step.j_auth_asym_id_2 
_ndb_struct_na_base_pair_step.j_auth_seq_id_2 
_ndb_struct_na_base_pair_step.j_PDB_ins_code_2 
1 A G 1 1_555 B CBR 8 1_555 A G   2 1_555 B C 7 1_555 0.423  -1.908 3.302 -1.414 5.751  34.538 -4.002 -0.907 2.937 9.599  2.361  
35.027 1 AA_G1G2:C16CBR17_BB A 1 ? B 17 ? A 2 ? B 16 ? 
1 A G 2 1_555 B C   7 1_555 A U   3 1_555 B G 6 1_555 -0.052 -1.400 3.375 0.098  5.557  41.512 -2.542 0.083  3.170 7.798  -0.137 
41.866 2 AA_G2U3:G15C16_BB   A 2 ? B 16 ? A 3 ? B 15 ? 
1 A U 3 1_555 B G   6 1_555 A G   4 1_555 B C 5 1_555 -0.758 -1.584 2.938 3.964  15.843 23.775 -5.821 2.183  1.473 33.818 -8.462 
28.777 3 AA_U3G4:C14G15_BB   A 3 ? B 15 ? A 4 ? B 14 ? 
1 A G 4 1_555 B C   5 1_555 A C   5 1_555 B G 4 1_555 0.087  -1.229 3.229 0.598  8.187  31.562 -3.533 -0.058 2.831 14.741 -1.076 
32.585 4 AA_G4C5:G13C14_BB   A 4 ? B 14 ? A 5 ? B 13 ? 
1 A C 5 1_555 B G   4 1_555 A G   6 1_555 B U 3 1_555 1.786  -2.301 3.132 2.182  13.647 19.842 -8.865 -3.732 1.452 34.683 -5.546 
24.141 5 AA_C5G6:U12G13_BB   A 5 ? B 13 ? A 6 ? B 12 ? 
1 A G 6 1_555 B U   3 1_555 A C   7 1_555 B G 2 1_555 -0.196 -1.400 3.361 -1.175 0.882  41.004 -2.096 0.149  3.335 1.259  1.676  
41.029 6 AA_G6C7:G11U12_BB   A 6 ? B 12 ? A 7 ? B 11 ? 
1 A C 7 1_555 B G   2 1_555 A CBR 8 1_555 B G 1 1_555 -0.648 -1.608 3.261 0.702  4.708  32.471 -3.624 1.264  2.990 8.363  -1.247 
32.809 7 AA_C7CBR8:G10G11_BB A 7 ? B 11 ? A 8 ? B 10 ? 
# 
_atom_sites.entry_id                    2G91 
_atom_sites.fract_transf_matrix[1][1]   0.01213287 
_atom_sites.fract_transf_matrix[1][2]   -0.01280459 
_atom_sites.fract_transf_matrix[1][3]   -0.01876865 
_atom_sites.fract_transf_matrix[2][1]   0.01548293 
_atom_sites.fract_transf_matrix[2][2]   -0.01974789 
_atom_sites.fract_transf_matrix[2][3]   0.00580711 
_atom_sites.fract_transf_matrix[3][1]   -0.00615137 
_atom_sites.fract_transf_matrix[3][2]   -0.00499093 
_atom_sites.fract_transf_matrix[3][3]   -0.00057154 
_atom_sites.fract_transf_vector[1]      0.600229 
_atom_sites.fract_transf_vector[2]      1.057499 
_atom_sites.fract_transf_vector[3]      1.090971 
# 
loop_
_atom_type.symbol 
BR 
C  
MG 
N  
O  
P  
# 
loop_
_atom_site.group_PDB 
_atom_site.id 
_atom_site.type_symbol 
_atom_site.label_atom_id 
_atom_site.label_alt_id 
_atom_site.label_comp_id 
_atom_site.label_asym_id 
_atom_site.label_entity_id 
_atom_site.label_seq_id 
_atom_site.pdbx_PDB_ins_code 
_atom_site.Cartn_x 
_atom_site.Cartn_y 
_atom_site.Cartn_z 
_atom_site.occupancy 
_atom_site.B_iso_or_equiv 
_atom_site.pdbx_formal_charge 
_atom_site.auth_seq_id 
_atom_site.auth_comp_id 
_atom_site.auth_asym_id 
_atom_site.auth_atom_id 
_atom_site.pdbx_PDB_model_num 
ATOM   1   O  "O5'" . G   A 1 1 ? 1.704   8.006   -7.828  1.00 36.43 ? 1   G   A "O5'" 1 
ATOM   2   C  "C5'" . G   A 1 1 ? 1.675   8.377   -9.209  1.00 35.40 ? 1   G   A "C5'" 1 
ATOM   3   C  "C4'" . G   A 1 1 ? 2.910   7.934   -9.958  1.00 34.56 ? 1   G   A "C4'" 1 
ATOM   4   O  "O4'" . G   A 1 1 ? 4.034   8.764   -9.551  1.00 34.07 ? 1   G   A "O4'" 1 
ATOM   5   C  "C3'" . G   A 1 1 ? 3.363   6.505   -9.691  1.00 34.33 ? 1   G   A "C3'" 1 
ATOM   6   O  "O3'" . G   A 1 1 ? 2.729   5.597   -10.585 1.00 35.47 ? 1   G   A "O3'" 1 
ATOM   7   C  "C2'" . G   A 1 1 ? 4.857   6.592   -9.969  1.00 32.95 ? 1   G   A "C2'" 1 
ATOM   8   O  "O2'" . G   A 1 1 ? 5.168   6.585   -11.349 1.00 33.83 ? 1   G   A "O2'" 1 
ATOM   9   C  "C1'" . G   A 1 1 ? 5.183   7.955   -9.364  1.00 32.40 ? 1   G   A "C1'" 1 
ATOM   10  N  N9    . G   A 1 1 ? 5.456   7.878   -7.933  1.00 29.20 ? 1   G   A N9    1 
ATOM   11  C  C8    . G   A 1 1 ? 4.662   8.340   -6.912  1.00 28.83 ? 1   G   A C8    1 
ATOM   12  N  N7    . G   A 1 1 ? 5.168   8.116   -5.729  1.00 28.37 ? 1   G   A N7    1 
ATOM   13  C  C5    . G   A 1 1 ? 6.370   7.472   -5.985  1.00 26.89 ? 1   G   A C5    1 
ATOM   14  C  C6    . G   A 1 1 ? 7.358   6.982   -5.093  1.00 26.05 ? 1   G   A C6    1 
ATOM   15  O  O6    . G   A 1 1 ? 7.371   7.025   -3.857  1.00 25.94 ? 1   G   A O6    1 
ATOM   16  N  N1    . G   A 1 1 ? 8.415   6.390   -5.778  1.00 25.55 ? 1   G   A N1    1 
ATOM   17  C  C2    . G   A 1 1 ? 8.509   6.280   -7.142  1.00 25.93 ? 1   G   A C2    1 
ATOM   18  N  N2    . G   A 1 1 ? 9.603   5.662   -7.612  1.00 25.52 ? 1   G   A N2    1 
ATOM   19  N  N3    . G   A 1 1 ? 7.598   6.737   -7.986  1.00 27.68 ? 1   G   A N3    1 
ATOM   20  C  C4    . G   A 1 1 ? 6.562   7.316   -7.341  1.00 27.50 ? 1   G   A C4    1 
ATOM   21  P  P     . G   A 1 2 ? 2.340   4.120   -10.080 1.00 35.55 ? 2   G   A P     1 
ATOM   22  O  OP1   . G   A 1 2 ? 1.608   3.441   -11.180 1.00 36.70 ? 2   G   A OP1   1 
ATOM   23  O  OP2   . G   A 1 2 ? 1.707   4.243   -8.744  1.00 34.47 ? 2   G   A OP2   1 
ATOM   24  O  "O5'" . G   A 1 2 ? 3.745   3.394   -9.893  1.00 32.70 ? 2   G   A "O5'" 1 
ATOM   25  C  "C5'" . G   A 1 2 ? 4.653   3.272   -10.981 1.00 30.75 ? 2   G   A "C5'" 1 
ATOM   26  C  "C4'" . G   A 1 2 ? 5.959   2.678   -10.511 1.00 28.46 ? 2   G   A "C4'" 1 
ATOM   27  O  "O4'" . G   A 1 2 ? 6.651   3.633   -9.661  1.00 26.83 ? 2   G   A "O4'" 1 
ATOM   28  C  "C3'" . G   A 1 2 ? 5.848   1.438   -9.639  1.00 26.88 ? 2   G   A "C3'" 1 
ATOM   29  O  "O3'" . G   A 1 2 ? 5.690   0.267   -10.432 1.00 27.22 ? 2   G   A "O3'" 1 
ATOM   30  C  "C2'" . G   A 1 2 ? 7.192   1.444   -8.927  1.00 26.62 ? 2   G   A "C2'" 1 
ATOM   31  O  "O2'" . G   A 1 2 ? 8.251   0.973   -9.733  1.00 28.25 ? 2   G   A "O2'" 1 
ATOM   32  C  "C1'" . G   A 1 2 ? 7.379   2.937   -8.661  1.00 26.06 ? 2   G   A "C1'" 1 
ATOM   33  N  N9    . G   A 1 2 ? 6.868   3.335   -7.353  1.00 22.88 ? 2   G   A N9    1 
ATOM   34  C  C8    . G   A 1 2 ? 5.698   3.998   -7.079  1.00 22.13 ? 2   G   A C8    1 
ATOM   35  N  N7    . G   A 1 2 ? 5.521   4.217   -5.804  1.00 23.19 ? 2   G   A N7    1 
ATOM   36  C  C5    . G   A 1 2 ? 6.643   3.667   -5.201  1.00 22.02 ? 2   G   A C5    1 
ATOM   37  C  C6    . G   A 1 2 ? 7.016   3.603   -3.832  1.00 21.36 ? 2   G   A C6    1 
ATOM   38  O  O6    . G   A 1 2 ? 6.413   4.045   -2.847  1.00 24.57 ? 2   G   A O6    1 
ATOM   39  N  N1    . G   A 1 2 ? 8.231   2.945   -3.665  1.00 21.92 ? 2   G   A N1    1 
ATOM   40  C  C2    . G   A 1 2 ? 8.992   2.421   -4.681  1.00 20.61 ? 2   G   A C2    1 
ATOM   41  N  N2    . G   A 1 2 ? 10.131  1.821   -4.320  1.00 22.59 ? 2   G   A N2    1 
ATOM   42  N  N3    . G   A 1 2 ? 8.658   2.481   -5.959  1.00 21.81 ? 2   G   A N3    1 
ATOM   43  C  C4    . G   A 1 2 ? 7.481   3.113   -6.144  1.00 21.67 ? 2   G   A C4    1 
ATOM   44  P  P     . U   A 1 3 ? 4.862   -0.984  -9.850  1.00 26.95 ? 3   U   A P     1 
ATOM   45  O  OP1   . U   A 1 3 ? 4.853   -2.037  -10.897 1.00 29.66 ? 3   U   A OP1   1 
ATOM   46  O  OP2   . U   A 1 3 ? 3.576   -0.479  -9.307  1.00 27.72 ? 3   U   A OP2   1 
ATOM   47  O  "O5'" . U   A 1 3 ? 5.745   -1.493  -8.627  1.00 26.05 ? 3   U   A "O5'" 1 
ATOM   48  C  "C5'" . U   A 1 3 ? 7.002   -2.119  -8.849  1.00 25.08 ? 3   U   A "C5'" 1 
ATOM   49  C  "C4'" . U   A 1 3 ? 7.701   -2.365  -7.536  1.00 23.59 ? 3   U   A "C4'" 1 
ATOM   50  O  "O4'" . U   A 1 3 ? 7.918   -1.099  -6.858  1.00 23.57 ? 3   U   A "O4'" 1 
ATOM   51  C  "C3'" . U   A 1 3 ? 6.922   -3.179  -6.516  1.00 22.98 ? 3   U   A "C3'" 1 
ATOM   52  O  "O3'" . U   A 1 3 ? 7.044   -4.571  -6.781  1.00 21.77 ? 3   U   A "O3'" 1 
ATOM   53  C  "C2'" . U   A 1 3 ? 7.628   -2.793  -5.225  1.00 20.62 ? 3   U   A "C2'" 1 
ATOM   54  O  "O2'" . U   A 1 3 ? 8.877   -3.435  -5.057  1.00 21.75 ? 3   U   A "O2'" 1 
ATOM   55  C  "C1'" . U   A 1 3 ? 7.850   -1.296  -5.453  1.00 21.54 ? 3   U   A "C1'" 1 
ATOM   56  N  N1    . U   A 1 3 ? 6.751   -0.480  -4.920  1.00 21.21 ? 3   U   A N1    1 
ATOM   57  C  C2    . U   A 1 3 ? 6.759   -0.210  -3.567  1.00 18.04 ? 3   U   A C2    1 
ATOM   58  O  O2    . U   A 1 3 ? 7.627   -0.625  -2.819  1.00 19.37 ? 3   U   A O2    1 
ATOM   59  N  N3    . U   A 1 3 ? 5.713   0.558   -3.122  1.00 21.64 ? 3   U   A N3    1 
ATOM   60  C  C4    . U   A 1 3 ? 4.680   1.072   -3.879  1.00 20.38 ? 3   U   A C4    1 
ATOM   61  O  O4    . U   A 1 3 ? 3.818   1.765   -3.336  1.00 21.80 ? 3   U   A O4    1 
ATOM   62  C  C5    . U   A 1 3 ? 4.740   0.744   -5.271  1.00 21.94 ? 3   U   A C5    1 
ATOM   63  C  C6    . U   A 1 3 ? 5.749   -0.002  -5.732  1.00 20.42 ? 3   U   A C6    1 
ATOM   64  P  P     . G   A 1 4 ? 5.840   -5.563  -6.396  1.00 20.37 ? 4   G   A P     1 
ATOM   65  O  OP1   . G   A 1 4 ? 5.953   -6.773  -7.256  1.00 24.22 ? 4   G   A OP1   1 
ATOM   66  O  OP2   . G   A 1 4 ? 4.570   -4.798  -6.376  1.00 21.16 ? 4   G   A OP2   1 
ATOM   67  O  "O5'" . G   A 1 4 ? 6.164   -5.985  -4.893  1.00 17.78 ? 4   G   A "O5'" 1 
ATOM   68  C  "C5'" . G   A 1 4 ? 7.264   -6.837  -4.589  1.00 17.41 ? 4   G   A "C5'" 1 
ATOM   69  C  "C4'" . G   A 1 4 ? 7.425   -6.969  -3.090  1.00 17.21 ? 4   G   A "C4'" 1 
ATOM   70  O  "O4'" . G   A 1 4 ? 7.789   -5.676  -2.531  1.00 17.08 ? 4   G   A "O4'" 1 
ATOM   71  C  "C3'" . G   A 1 4 ? 6.169   -7.357  -2.324  1.00 15.05 ? 4   G   A "C3'" 1 
ATOM   72  O  "O3'" . G   A 1 4 ? 5.990   -8.773  -2.320  1.00 14.73 ? 4   G   A "O3'" 1 
ATOM   73  C  "C2'" . G   A 1 4 ? 6.500   -6.844  -0.928  1.00 15.84 ? 4   G   A "C2'" 1 
ATOM   74  O  "O2'" . G   A 1 4 ? 7.412   -7.685  -0.252  1.00 18.43 ? 4   G   A "O2'" 1 
ATOM   75  C  "C1'" . G   A 1 4 ? 7.182   -5.516  -1.257  1.00 15.08 ? 4   G   A "C1'" 1 
ATOM   76  N  N9    . G   A 1 4 ? 6.256   -4.388  -1.327  1.00 15.10 ? 4   G   A N9    1 
ATOM   77  C  C8    . G   A 1 4 ? 5.633   -3.897  -2.450  1.00 15.07 ? 4   G   A C8    1 
ATOM   78  N  N7    . G   A 1 4 ? 4.864   -2.871  -2.203  1.00 16.33 ? 4   G   A N7    1 
ATOM   79  C  C5    . G   A 1 4 ? 4.987   -2.668  -0.835  1.00 13.81 ? 4   G   A C5    1 
ATOM   80  C  C6    . G   A 1 4 ? 4.395   -1.687  0.009   1.00 14.95 ? 4   G   A C6    1 
ATOM   81  O  O6    . G   A 1 4 ? 3.628   -0.770  -0.301  1.00 15.49 ? 4   G   A O6    1 
ATOM   82  N  N1    . G   A 1 4 ? 4.783   -1.850  1.335   1.00 14.67 ? 4   G   A N1    1 
ATOM   83  C  C2    . G   A 1 4 ? 5.633   -2.827  1.792   1.00 13.31 ? 4   G   A C2    1 
ATOM   84  N  N2    . G   A 1 4 ? 5.880   -2.828  3.111   1.00 15.24 ? 4   G   A N2    1 
ATOM   85  N  N3    . G   A 1 4 ? 6.199   -3.739  1.016   1.00 14.05 ? 4   G   A N3    1 
ATOM   86  C  C4    . G   A 1 4 ? 5.835   -3.601  -0.278  1.00 12.86 ? 4   G   A C4    1 
ATOM   87  P  P     . C   A 1 5 ? 4.508   -9.397  -2.232  1.00 15.06 ? 5   C   A P     1 
ATOM   88  O  OP1   . C   A 1 5 ? 4.642   -10.871 -2.370  1.00 17.53 ? 5   C   A OP1   1 
ATOM   89  O  OP2   . C   A 1 5 ? 3.608   -8.656  -3.154  1.00 16.96 ? 5   C   A OP2   1 
ATOM   90  O  "O5'" . C   A 1 5 ? 4.031   -9.063  -0.746  1.00 13.08 ? 5   C   A "O5'" 1 
ATOM   91  C  "C5'" . C   A 1 5 ? 4.654   -9.684  0.375   1.00 11.10 ? 5   C   A "C5'" 1 
ATOM   92  C  "C4'" . C   A 1 5 ? 4.164   -9.065  1.663   1.00 13.12 ? 5   C   A "C4'" 1 
ATOM   93  O  "O4'" . C   A 1 5 ? 4.532   -7.663  1.691   1.00 12.47 ? 5   C   A "O4'" 1 
ATOM   94  C  "C3'" . C   A 1 5 ? 2.659   -9.042  1.869   1.00 13.97 ? 5   C   A "C3'" 1 
ATOM   95  O  "O3'" . C   A 1 5 ? 2.207   -10.318 2.329   1.00 14.91 ? 5   C   A "O3'" 1 
ATOM   96  C  "C2'" . C   A 1 5 ? 2.519   -7.945  2.922   1.00 13.78 ? 5   C   A "C2'" 1 
ATOM   97  O  "O2'" . C   A 1 5 ? 2.821   -8.377  4.233   1.00 12.25 ? 5   C   A "O2'" 1 
ATOM   98  C  "C1'" . C   A 1 5 ? 3.588   -6.946  2.471   1.00 12.73 ? 5   C   A "C1'" 1 
ATOM   99  N  N1    . C   A 1 5 ? 3.014   -5.869  1.654   1.00 13.35 ? 5   C   A N1    1 
ATOM   100 C  C2    . C   A 1 5 ? 2.484   -4.747  2.303   1.00 12.45 ? 5   C   A C2    1 
ATOM   101 O  O2    . C   A 1 5 ? 2.565   -4.673  3.543   1.00 13.40 ? 5   C   A O2    1 
ATOM   102 N  N3    . C   A 1 5 ? 1.898   -3.776  1.569   1.00 11.76 ? 5   C   A N3    1 
ATOM   103 C  C4    . C   A 1 5 ? 1.835   -3.890  0.239   1.00 11.96 ? 5   C   A C4    1 
ATOM   104 N  N4    . C   A 1 5 ? 1.225   -2.914  -0.446  1.00 13.32 ? 5   C   A N4    1 
ATOM   105 C  C5    . C   A 1 5 ? 2.390   -5.008  -0.448  1.00 12.38 ? 5   C   A C5    1 
ATOM   106 C  C6    . C   A 1 5 ? 2.969   -5.963  0.292   1.00 12.31 ? 5   C   A C6    1 
ATOM   107 P  P     . G   A 1 6 ? 0.633   -10.656 2.341   1.00 15.56 ? 6   G   A P     1 
ATOM   108 O  OP1   . G   A 1 6 ? 0.445   -11.944 3.064   1.00 16.13 ? 6   G   A OP1   1 
ATOM   109 O  OP2   . G   A 1 6 ? 0.094   -10.502 0.966   1.00 16.42 ? 6   G   A OP2   1 
ATOM   110 O  "O5'" . G   A 1 6 ? 0.039   -9.495  3.247   1.00 13.45 ? 6   G   A "O5'" 1 
ATOM   111 C  "C5'" . G   A 1 6 ? -1.280  -9.015  3.060   1.00 14.88 ? 6   G   A "C5'" 1 
ATOM   112 C  "C4'" . G   A 1 6 ? -1.557  -7.929  4.060   1.00 12.38 ? 6   G   A "C4'" 1 
ATOM   113 O  "O4'" . G   A 1 6 ? -0.711  -6.785  3.761   1.00 10.91 ? 6   G   A "O4'" 1 
ATOM   114 C  "C3'" . G   A 1 6 ? -2.963  -7.358  4.047   1.00 11.40 ? 6   G   A "C3'" 1 
ATOM   115 O  "O3'" . G   A 1 6 ? -3.839  -8.186  4.803   1.00 13.88 ? 6   G   A "O3'" 1 
ATOM   116 C  "C2'" . G   A 1 6 ? -2.728  -6.018  4.725   1.00 10.67 ? 6   G   A "C2'" 1 
ATOM   117 O  "O2'" . G   A 1 6 ? -2.543  -6.146  6.124   1.00 12.31 ? 6   G   A "O2'" 1 
ATOM   118 C  "C1'" . G   A 1 6 ? -1.409  -5.592  4.075   1.00 11.16 ? 6   G   A "C1'" 1 
ATOM   119 N  N9    . G   A 1 6 ? -1.605  -4.826  2.847   1.00 12.15 ? 6   G   A N9    1 
ATOM   120 C  C8    . G   A 1 6 ? -1.321  -5.199  1.552   1.00 12.22 ? 6   G   A C8    1 
ATOM   121 N  N7    . G   A 1 6 ? -1.627  -4.274  0.676   1.00 12.83 ? 6   G   A N7    1 
ATOM   122 C  C5    . G   A 1 6 ? -2.138  -3.232  1.443   1.00 11.19 ? 6   G   A C5    1 
ATOM   123 C  C6    . G   A 1 6 ? -2.649  -1.957  1.061   1.00 11.94 ? 6   G   A C6    1 
ATOM   124 O  O6    . G   A 1 6 ? -2.748  -1.468  -0.069  1.00 13.07 ? 6   G   A O6    1 
ATOM   125 N  N1    . G   A 1 6 ? -3.073  -1.223  2.166   1.00 11.51 ? 6   G   A N1    1 
ATOM   126 C  C2    . G   A 1 6 ? -3.017  -1.649  3.468   1.00 9.83  ? 6   G   A C2    1 
ATOM   127 N  N2    . G   A 1 6 ? -3.485  -0.794  4.397   1.00 12.17 ? 6   G   A N2    1 
ATOM   128 N  N3    . G   A 1 6 ? -2.544  -2.825  3.837   1.00 11.76 ? 6   G   A N3    1 
ATOM   129 C  C4    . G   A 1 6 ? -2.128  -3.561  2.782   1.00 10.73 ? 6   G   A C4    1 
ATOM   130 P  P     . C   A 1 7 ? -5.360  -8.405  4.315   1.00 14.01 ? 7   C   A P     1 
ATOM   131 O  OP1   . C   A 1 7 ? -5.951  -9.470  5.164   1.00 17.82 ? 7   C   A OP1   1 
ATOM   132 O  OP2   . C   A 1 7 ? -5.403  -8.548  2.841   1.00 14.72 ? 7   C   A OP2   1 
ATOM   133 O  "O5'" . C   A 1 7 ? -6.083  -7.031  4.669   1.00 13.19 ? 7   C   A "O5'" 1 
ATOM   134 C  "C5'" . C   A 1 7 ? -6.128  -6.554  6.011   1.00 11.83 ? 7   C   A "C5'" 1 
ATOM   135 C  "C4'" . C   A 1 7 ? -6.512  -5.093  6.027   1.00 12.97 ? 7   C   A "C4'" 1 
ATOM   136 O  "O4'" . C   A 1 7 ? -5.550  -4.335  5.242   1.00 12.63 ? 7   C   A "O4'" 1 
ATOM   137 C  "C3'" . C   A 1 7 ? -7.850  -4.761  5.383   1.00 13.45 ? 7   C   A "C3'" 1 
ATOM   138 O  "O3'" . C   A 1 7 ? -8.906  -4.971  6.318   1.00 15.05 ? 7   C   A "O3'" 1 
ATOM   139 C  "C2'" . C   A 1 7 ? -7.672  -3.282  5.060   1.00 12.53 ? 7   C   A "C2'" 1 
ATOM   140 O  "O2'" . C   A 1 7 ? -7.816  -2.461  6.204   1.00 13.92 ? 7   C   A "O2'" 1 
ATOM   141 C  "C1'" . C   A 1 7 ? -6.212  -3.250  4.608   1.00 13.24 ? 7   C   A "C1'" 1 
ATOM   142 N  N1    . C   A 1 7 ? -6.029  -3.365  3.147   1.00 12.41 ? 7   C   A N1    1 
ATOM   143 C  C2    . C   A 1 7 ? -6.333  -2.258  2.356   1.00 13.62 ? 7   C   A C2    1 
ATOM   144 O  O2    . C   A 1 7 ? -6.796  -1.246  2.904   1.00 13.76 ? 7   C   A O2    1 
ATOM   145 N  N3    . C   A 1 7 ? -6.120  -2.315  1.019   1.00 13.43 ? 7   C   A N3    1 
ATOM   146 C  C4    . C   A 1 7 ? -5.630  -3.427  0.469   1.00 12.49 ? 7   C   A C4    1 
ATOM   147 N  N4    . C   A 1 7 ? -5.407  -3.425  -0.849  1.00 13.21 ? 7   C   A N4    1 
ATOM   148 C  C5    . C   A 1 7 ? -5.340  -4.588  1.248   1.00 11.50 ? 7   C   A C5    1 
ATOM   149 C  C6    . C   A 1 7 ? -5.555  -4.513  2.573   1.00 12.83 ? 7   C   A C6    1 
HETATM 150 BR BR    . CBR A 1 8 ? -8.985  -5.152  1.124   1.00 15.97 ? 8   CBR A BR    1 
HETATM 151 P  P     . CBR A 1 8 ? -10.390 -5.323  5.796   1.00 16.19 ? 8   CBR A P     1 
HETATM 152 O  OP1   . CBR A 1 8 ? -10.314 -6.303  4.680   1.00 18.07 ? 8   CBR A OP1   1 
HETATM 153 O  OP2   . CBR A 1 8 ? -11.194 -5.653  7.004   1.00 17.87 ? 8   CBR A OP2   1 
HETATM 154 O  "O5'" . CBR A 1 8 ? -10.927 -3.946  5.193   1.00 14.08 ? 8   CBR A "O5'" 1 
HETATM 155 N  N1    . CBR A 1 8 ? -10.560 -1.439  1.894   1.00 11.90 ? 8   CBR A N1    1 
HETATM 156 C  C6    . CBR A 1 8 ? -10.097 -2.722  2.018   1.00 12.63 ? 8   CBR A C6    1 
HETATM 157 C  C2    . CBR A 1 8 ? -10.519 -0.788  0.657   1.00 14.41 ? 8   CBR A C2    1 
HETATM 158 O  O2    . CBR A 1 8 ? -11.026 0.344   0.560   1.00 15.17 ? 8   CBR A O2    1 
HETATM 159 N  N3    . CBR A 1 8 ? -9.943  -1.415  -0.402  1.00 11.64 ? 8   CBR A N3    1 
HETATM 160 C  C4    . CBR A 1 8 ? -9.453  -2.653  -0.260  1.00 13.27 ? 8   CBR A C4    1 
HETATM 161 N  N4    . CBR A 1 8 ? -8.856  -3.216  -1.318  1.00 13.96 ? 8   CBR A N4    1 
HETATM 162 C  C5    . CBR A 1 8 ? -9.544  -3.358  0.975   1.00 13.08 ? 8   CBR A C5    1 
HETATM 163 C  "C2'" . CBR A 1 8 ? -12.582 -0.754  3.274   1.00 14.02 ? 8   CBR A "C2'" 1 
HETATM 164 C  "C5'" . CBR A 1 8 ? -11.054 -2.791  6.019   1.00 12.84 ? 8   CBR A "C5'" 1 
HETATM 165 C  "C4'" . CBR A 1 8 ? -11.465 -1.589  5.199   1.00 12.08 ? 8   CBR A "C4'" 1 
HETATM 166 O  "O4'" . CBR A 1 8 ? -10.456 -1.275  4.214   1.00 14.21 ? 8   CBR A "O4'" 1 
HETATM 167 C  "C1'" . CBR A 1 8 ? -11.067 -0.706  3.063   1.00 13.39 ? 8   CBR A "C1'" 1 
HETATM 168 C  "C3'" . CBR A 1 8 ? -12.762 -1.745  4.412   1.00 14.35 ? 8   CBR A "C3'" 1 
HETATM 169 O  "O3'" . CBR A 1 8 ? -13.857 -1.350  5.245   1.00 14.74 ? 8   CBR A "O3'" 1 
ATOM   170 P  P     . C   A 1 9 ? -15.356 -1.812  4.882   1.00 15.49 ? 9   C   A P     1 
ATOM   171 O  OP1   . C   A 1 9 ? -15.650 -1.379  3.490   1.00 14.82 ? 9   C   A OP1   1 
ATOM   172 O  OP2   . C   A 1 9 ? -16.229 -1.349  5.999   1.00 16.40 ? 9   C   A OP2   1 
ATOM   173 O  "O5'" . C   A 1 9 ? -15.315 -3.403  4.900   1.00 16.82 ? 9   C   A "O5'" 1 
ATOM   174 C  "C5'" . C   A 1 9 ? -15.276 -4.121  6.131   1.00 20.20 ? 9   C   A "C5'" 1 
ATOM   175 C  "C4'" . C   A 1 9 ? -16.364 -5.165  6.159   1.00 21.74 ? 9   C   A "C4'" 1 
ATOM   176 O  "O4'" . C   A 1 9 ? -17.653 -4.508  6.091   1.00 21.67 ? 9   C   A "O4'" 1 
ATOM   177 C  "C3'" . C   A 1 9 ? -16.385 -6.122  4.978   1.00 23.60 ? 9   C   A "C3'" 1 
ATOM   178 O  "O3'" . C   A 1 9 ? -15.467 -7.203  5.190   1.00 25.23 ? 9   C   A "O3'" 1 
ATOM   179 C  "C2'" . C   A 1 9 ? -17.829 -6.613  4.989   1.00 24.97 ? 9   C   A "C2'" 1 
ATOM   180 O  "O2'" . C   A 1 9 ? -18.036 -7.663  5.917   1.00 27.82 ? 9   C   A "O2'" 1 
ATOM   181 C  "C1'" . C   A 1 9 ? -18.584 -5.364  5.455   1.00 23.57 ? 9   C   A "C1'" 1 
ATOM   182 N  N1    . C   A 1 9 ? -19.243 -4.613  4.373   1.00 22.30 ? 9   C   A N1    1 
ATOM   183 C  C2    . C   A 1 9 ? -20.450 -5.097  3.859   1.00 23.54 ? 9   C   A C2    1 
ATOM   184 O  O2    . C   A 1 9 ? -20.901 -6.165  4.298   1.00 26.36 ? 9   C   A O2    1 
ATOM   185 N  N3    . C   A 1 9 ? -21.091 -4.393  2.896   1.00 22.63 ? 9   C   A N3    1 
ATOM   186 C  C4    . C   A 1 9 ? -20.564 -3.253  2.442   1.00 22.87 ? 9   C   A C4    1 
ATOM   187 N  N4    . C   A 1 9 ? -21.239 -2.579  1.507   1.00 22.50 ? 9   C   A N4    1 
ATOM   188 C  C5    . C   A 1 9 ? -19.322 -2.750  2.931   1.00 21.28 ? 9   C   A C5    1 
ATOM   189 C  C6    . C   A 1 9 ? -18.702 -3.455  3.886   1.00 23.32 ? 9   C   A C6    1 
ATOM   190 O  "O5'" . G   B 1 1 ? -7.759  2.368   -9.761  1.00 17.42 ? 10  G   B "O5'" 1 
ATOM   191 C  "C5'" . G   B 1 1 ? -8.549  3.519   -10.073 1.00 16.42 ? 10  G   B "C5'" 1 
ATOM   192 C  "C4'" . G   B 1 1 ? -9.358  4.027   -8.899  1.00 15.60 ? 10  G   B "C4'" 1 
ATOM   193 O  "O4'" . G   B 1 1 ? -10.284 2.996   -8.451  1.00 15.10 ? 10  G   B "O4'" 1 
ATOM   194 C  "C3'" . G   B 1 1 ? -8.565  4.378   -7.650  1.00 16.70 ? 10  G   B "C3'" 1 
ATOM   195 O  "O3'" . G   B 1 1 ? -8.030  5.691   -7.735  1.00 15.89 ? 10  G   B "O3'" 1 
ATOM   196 C  "C2'" . G   B 1 1 ? -9.644  4.287   -6.580  1.00 14.88 ? 10  G   B "C2'" 1 
ATOM   197 O  "O2'" . G   B 1 1 ? -10.521 5.397   -6.591  1.00 13.86 ? 10  G   B "O2'" 1 
ATOM   198 C  "C1'" . G   B 1 1 ? -10.387 3.031   -7.033  1.00 14.32 ? 10  G   B "C1'" 1 
ATOM   199 N  N9    . G   B 1 1 ? -9.783  1.815   -6.494  1.00 13.79 ? 10  G   B N9    1 
ATOM   200 C  C8    . G   B 1 1 ? -8.922  0.958   -7.136  1.00 15.19 ? 10  G   B C8    1 
ATOM   201 N  N7    . G   B 1 1 ? -8.535  -0.036  -6.384  1.00 13.86 ? 10  G   B N7    1 
ATOM   202 C  C5    . G   B 1 1 ? -9.181  0.173   -5.175  1.00 12.53 ? 10  G   B C5    1 
ATOM   203 C  C6    . G   B 1 1 ? -9.145  -0.578  -3.966  1.00 11.04 ? 10  G   B C6    1 
ATOM   204 O  O6    . G   B 1 1 ? -8.508  -1.620  -3.719  1.00 14.11 ? 10  G   B O6    1 
ATOM   205 N  N1    . G   B 1 1 ? -9.949  -0.002  -2.982  1.00 12.44 ? 10  G   B N1    1 
ATOM   206 C  C2    . G   B 1 1 ? -10.689 1.146   -3.140  1.00 13.23 ? 10  G   B C2    1 
ATOM   207 N  N2    . G   B 1 1 ? -11.402 1.546   -2.075  1.00 15.20 ? 10  G   B N2    1 
ATOM   208 N  N3    . G   B 1 1 ? -10.729 1.852   -4.260  1.00 12.53 ? 10  G   B N3    1 
ATOM   209 C  C4    . G   B 1 1 ? -9.958  1.313   -5.227  1.00 14.08 ? 10  G   B C4    1 
ATOM   210 P  P     . G   B 1 2 ? -6.683  6.054   -6.936  1.00 17.58 ? 11  G   B P     1 
ATOM   211 O  OP1   . G   B 1 2 ? -6.321  7.459   -7.266  1.00 18.57 ? 11  G   B OP1   1 
ATOM   212 O  OP2   . G   B 1 2 ? -5.698  4.967   -7.170  1.00 19.03 ? 11  G   B OP2   1 
ATOM   213 O  "O5'" . G   B 1 2 ? -7.109  5.991   -5.403  1.00 16.90 ? 11  G   B "O5'" 1 
ATOM   214 C  "C5'" . G   B 1 2 ? -8.051  6.915   -4.867  1.00 15.89 ? 11  G   B "C5'" 1 
ATOM   215 C  "C4'" . G   B 1 2 ? -8.471  6.488   -3.479  1.00 15.76 ? 11  G   B "C4'" 1 
ATOM   216 O  "O4'" . G   B 1 2 ? -9.023  5.145   -3.530  1.00 16.08 ? 11  G   B "O4'" 1 
ATOM   217 C  "C3'" . G   B 1 2 ? -7.350  6.364   -2.457  1.00 15.66 ? 11  G   B "C3'" 1 
ATOM   218 O  "O3'" . G   B 1 2 ? -7.002  7.624   -1.898  1.00 15.72 ? 11  G   B "O3'" 1 
ATOM   219 C  "C2'" . G   B 1 2 ? -7.998  5.462   -1.418  1.00 13.85 ? 11  G   B "C2'" 1 
ATOM   220 O  "O2'" . G   B 1 2 ? -8.938  6.144   -0.605  1.00 15.53 ? 11  G   B "O2'" 1 
ATOM   221 C  "C1'" . G   B 1 2 ? -8.721  4.462   -2.321  1.00 14.46 ? 11  G   B "C1'" 1 
ATOM   222 N  N9    . G   B 1 2 ? -7.888  3.305   -2.635  1.00 13.58 ? 11  G   B N9    1 
ATOM   223 C  C8    . G   B 1 2 ? -7.228  3.032   -3.814  1.00 12.55 ? 11  G   B C8    1 
ATOM   224 N  N7    . G   B 1 2 ? -6.570  1.901   -3.784  1.00 12.94 ? 11  G   B N7    1 
ATOM   225 C  C5    . G   B 1 2 ? -6.812  1.399   -2.508  1.00 13.95 ? 11  G   B C5    1 
ATOM   226 C  C6    . G   B 1 2 ? -6.378  0.187   -1.884  1.00 13.99 ? 11  G   B C6    1 
ATOM   227 O  O6    . G   B 1 2 ? -5.674  -0.718  -2.353  1.00 13.49 ? 11  G   B O6    1 
ATOM   228 N  N1    . G   B 1 2 ? -6.851  0.086   -0.578  1.00 13.68 ? 11  G   B N1    1 
ATOM   229 C  C2    . G   B 1 2 ? -7.641  1.018   0.052   1.00 13.22 ? 11  G   B C2    1 
ATOM   230 N  N2    . G   B 1 2 ? -7.977  0.756   1.327   1.00 11.19 ? 11  G   B N2    1 
ATOM   231 N  N3    . G   B 1 2 ? -8.065  2.132   -0.520  1.00 14.22 ? 11  G   B N3    1 
ATOM   232 C  C4    . G   B 1 2 ? -7.615  2.258   -1.787  1.00 12.09 ? 11  G   B C4    1 
ATOM   233 P  P     . U   B 1 3 ? -5.478  7.909   -1.473  1.00 15.62 ? 12  U   B P     1 
ATOM   234 O  OP1   . U   B 1 3 ? -5.388  9.315   -0.999  1.00 17.90 ? 12  U   B OP1   1 
ATOM   235 O  OP2   . U   B 1 3 ? -4.588  7.441   -2.564  1.00 17.58 ? 12  U   B OP2   1 
ATOM   236 O  "O5'" . U   B 1 3 ? -5.233  6.954   -0.220  1.00 14.85 ? 12  U   B "O5'" 1 
ATOM   237 C  "C5'" . U   B 1 3 ? -5.900  7.178   1.013   1.00 16.12 ? 12  U   B "C5'" 1 
ATOM   238 C  "C4'" . U   B 1 3 ? -5.777  5.958   1.895   1.00 13.78 ? 12  U   B "C4'" 1 
ATOM   239 O  "O4'" . U   B 1 3 ? -6.238  4.781   1.172   1.00 12.99 ? 12  U   B "O4'" 1 
ATOM   240 C  "C3'" . U   B 1 3 ? -4.364  5.575   2.305   1.00 15.01 ? 12  U   B "C3'" 1 
ATOM   241 O  "O3'" . U   B 1 3 ? -3.909  6.401   3.377   1.00 13.64 ? 12  U   B "O3'" 1 
ATOM   242 C  "C2'" . U   B 1 3 ? -4.579  4.129   2.729   1.00 14.12 ? 12  U   B "C2'" 1 
ATOM   243 O  "O2'" . U   B 1 3 ? -5.250  4.025   3.974   1.00 13.52 ? 12  U   B "O2'" 1 
ATOM   244 C  "C1'" . U   B 1 3 ? -5.507  3.643   1.613   1.00 12.67 ? 12  U   B "C1'" 1 
ATOM   245 N  N1    . U   B 1 3 ? -4.769  3.081   0.470   1.00 13.43 ? 12  U   B N1    1 
ATOM   246 C  C2    . U   B 1 3 ? -4.270  1.804   0.623   1.00 13.32 ? 12  U   B C2    1 
ATOM   247 O  O2    . U   B 1 3 ? -4.419  1.161   1.645   1.00 13.41 ? 12  U   B O2    1 
ATOM   248 N  N3    . U   B 1 3 ? -3.588  1.309   -0.460  1.00 13.84 ? 12  U   B N3    1 
ATOM   249 C  C4    . U   B 1 3 ? -3.353  1.946   -1.658  1.00 13.87 ? 12  U   B C4    1 
ATOM   250 O  O4    . U   B 1 3 ? -2.727  1.355   -2.544  1.00 16.39 ? 12  U   B O4    1 
ATOM   251 C  C5    . U   B 1 3 ? -3.899  3.273   -1.747  1.00 14.04 ? 12  U   B C5    1 
ATOM   252 C  C6    . U   B 1 3 ? -4.573  3.784   -0.704  1.00 13.05 ? 12  U   B C6    1 
ATOM   253 P  P     . G   B 1 4 ? -2.329  6.542   3.680   1.00 14.84 ? 13  G   B P     1 
ATOM   254 O  OP1   . G   B 1 4 ? -2.117  7.817   4.426   1.00 17.35 ? 13  G   B OP1   1 
ATOM   255 O  OP2   . G   B 1 4 ? -1.561  6.296   2.432   1.00 15.53 ? 13  G   B OP2   1 
ATOM   256 O  "O5'" . G   B 1 4 ? -2.016  5.342   4.677   1.00 15.18 ? 13  G   B "O5'" 1 
ATOM   257 C  "C5'" . G   B 1 4 ? -2.604  5.293   5.972   1.00 15.69 ? 13  G   B "C5'" 1 
ATOM   258 C  "C4'" . G   B 1 4 ? -2.047  4.126   6.750   1.00 15.26 ? 13  G   B "C4'" 1 
ATOM   259 O  "O4'" . G   B 1 4 ? -2.519  2.885   6.147   1.00 14.92 ? 13  G   B "O4'" 1 
ATOM   260 C  "C3'" . G   B 1 4 ? -0.532  3.988   6.725   1.00 17.14 ? 13  G   B "C3'" 1 
ATOM   261 O  "O3'" . G   B 1 4 ? 0.086   4.806   7.715   1.00 18.10 ? 13  G   B "O3'" 1 
ATOM   262 C  "C2'" . G   B 1 4 ? -0.364  2.510   7.039   1.00 13.68 ? 13  G   B "C2'" 1 
ATOM   263 O  "O2'" . G   B 1 4 ? -0.616  2.218   8.402   1.00 14.84 ? 13  G   B "O2'" 1 
ATOM   264 C  "C1'" . G   B 1 4 ? -1.480  1.911   6.184   1.00 14.90 ? 13  G   B "C1'" 1 
ATOM   265 N  N9    . G   B 1 4 ? -1.089  1.598   4.809   1.00 13.69 ? 13  G   B N9    1 
ATOM   266 C  C8    . G   B 1 4 ? -1.341  2.352   3.684   1.00 13.23 ? 13  G   B C8    1 
ATOM   267 N  N7    . G   B 1 4 ? -0.932  1.782   2.580   1.00 14.36 ? 13  G   B N7    1 
ATOM   268 C  C5    . G   B 1 4 ? -0.365  0.583   2.998   1.00 12.58 ? 13  G   B C5    1 
ATOM   269 C  C6    . G   B 1 4 ? 0.219   -0.476  2.242   1.00 13.27 ? 13  G   B C6    1 
ATOM   270 O  O6    . G   B 1 4 ? 0.336   -0.576  1.006   1.00 12.35 ? 13  G   B O6    1 
ATOM   271 N  N1    . G   B 1 4 ? 0.684   -1.496  3.068   1.00 11.75 ? 13  G   B N1    1 
ATOM   272 C  C2    . G   B 1 4 ? 0.587   -1.511  4.439   1.00 14.19 ? 13  G   B C2    1 
ATOM   273 N  N2    . G   B 1 4 ? 1.104   -2.594  5.054   1.00 12.72 ? 13  G   B N2    1 
ATOM   274 N  N3    . G   B 1 4 ? 0.028   -0.542  5.156   1.00 12.85 ? 13  G   B N3    1 
ATOM   275 C  C4    . G   B 1 4 ? -0.425  0.466   4.375   1.00 12.99 ? 13  G   B C4    1 
ATOM   276 P  P     . C   B 1 5 ? 1.554   5.415   7.448   1.00 18.87 ? 14  C   B P     1 
ATOM   277 O  OP1   . C   B 1 5 ? 1.860   6.365   8.553   1.00 20.69 ? 14  C   B OP1   1 
ATOM   278 O  OP2   . C   B 1 5 ? 1.631   5.879   6.040   1.00 19.52 ? 14  C   B OP2   1 
ATOM   279 O  "O5'" . C   B 1 5 ? 2.526   4.160   7.566   1.00 17.94 ? 14  C   B "O5'" 1 
ATOM   280 C  "C5'" . C   B 1 5 ? 2.658   3.446   8.789   1.00 19.44 ? 14  C   B "C5'" 1 
ATOM   281 C  "C4'" . C   B 1 5 ? 3.510   2.217   8.580   1.00 19.20 ? 14  C   B "C4'" 1 
ATOM   282 O  "O4'" . C   B 1 5 ? 2.795   1.277   7.732   1.00 18.84 ? 14  C   B "O4'" 1 
ATOM   283 C  "C3'" . C   B 1 5 ? 4.810   2.429   7.824   1.00 20.74 ? 14  C   B "C3'" 1 
ATOM   284 O  "O3'" . C   B 1 5 ? 5.839   2.948   8.659   1.00 21.66 ? 14  C   B "O3'" 1 
ATOM   285 C  "C2'" . C   B 1 5 ? 5.119   1.009   7.374   1.00 18.66 ? 14  C   B "C2'" 1 
ATOM   286 O  "O2'" . C   B 1 5 ? 5.593   0.198   8.430   1.00 19.62 ? 14  C   B "O2'" 1 
ATOM   287 C  "C1'" . C   B 1 5 ? 3.726   0.537   6.952   1.00 17.37 ? 14  C   B "C1'" 1 
ATOM   288 N  N1    . C   B 1 5 ? 3.467   0.804   5.526   1.00 14.10 ? 14  C   B N1    1 
ATOM   289 C  C2    . C   B 1 5 ? 3.896   -0.137  4.584   1.00 15.14 ? 14  C   B C2    1 
ATOM   290 O  O2    . C   B 1 5 ? 4.481   -1.161  4.984   1.00 14.83 ? 14  C   B O2    1 
ATOM   291 N  N3    . C   B 1 5 ? 3.674   0.096   3.268   1.00 13.60 ? 14  C   B N3    1 
ATOM   292 C  C4    . C   B 1 5 ? 3.067   1.221   2.882   1.00 13.30 ? 14  C   B C4    1 
ATOM   293 N  N4    . C   B 1 5 ? 2.887   1.416   1.573   1.00 15.09 ? 14  C   B N4    1 
ATOM   294 C  C5    . C   B 1 5 ? 2.619   2.199   3.822   1.00 14.79 ? 14  C   B C5    1 
ATOM   295 C  C6    . C   B 1 5 ? 2.834   1.949   5.123   1.00 16.05 ? 14  C   B C6    1 
ATOM   296 P  P     . G   B 1 6 ? 7.010   3.843   8.012   1.00 22.07 ? 15  G   B P     1 
ATOM   297 O  OP1   . G   B 1 6 ? 7.817   4.405   9.125   1.00 25.60 ? 15  G   B OP1   1 
ATOM   298 O  OP2   . G   B 1 6 ? 6.385   4.761   7.024   1.00 25.27 ? 15  G   B OP2   1 
ATOM   299 O  "O5'" . G   B 1 6 ? 7.914   2.794   7.221   1.00 22.24 ? 15  G   B "O5'" 1 
ATOM   300 C  "C5'" . G   B 1 6 ? 8.653   1.800   7.921   1.00 21.76 ? 15  G   B "C5'" 1 
ATOM   301 C  "C4'" . G   B 1 6 ? 9.212   0.777   6.959   1.00 22.28 ? 15  G   B "C4'" 1 
ATOM   302 O  "O4'" . G   B 1 6 ? 8.141   0.165   6.191   1.00 23.47 ? 15  G   B "O4'" 1 
ATOM   303 C  "C3'" . G   B 1 6 ? 10.139  1.293   5.873   1.00 23.51 ? 15  G   B "C3'" 1 
ATOM   304 O  "O3'" . G   B 1 6 ? 11.443  1.541   6.383   1.00 25.58 ? 15  G   B "O3'" 1 
ATOM   305 C  "C2'" . G   B 1 6 ? 10.135  0.112   4.914   1.00 23.07 ? 15  G   B "C2'" 1 
ATOM   306 O  "O2'" . G   B 1 6 ? 10.912  -0.968  5.393   1.00 24.47 ? 15  G   B "O2'" 1 
ATOM   307 C  "C1'" . G   B 1 6 ? 8.656   -0.280  4.943   1.00 21.77 ? 15  G   B "C1'" 1 
ATOM   308 N  N9    . G   B 1 6 ? 7.888   0.342   3.866   1.00 20.20 ? 15  G   B N9    1 
ATOM   309 C  C8    . G   B 1 6 ? 7.005   1.391   3.961   1.00 20.72 ? 15  G   B C8    1 
ATOM   310 N  N7    . G   B 1 6 ? 6.470   1.717   2.814   1.00 20.45 ? 15  G   B N7    1 
ATOM   311 C  C5    . G   B 1 6 ? 7.034   0.827   1.908   1.00 19.34 ? 15  G   B C5    1 
ATOM   312 C  C6    . G   B 1 6 ? 6.841   0.690   0.506   1.00 20.01 ? 15  G   B C6    1 
ATOM   313 O  O6    . G   B 1 6 ? 6.103   1.347   -0.240  1.00 20.75 ? 15  G   B O6    1 
ATOM   314 N  N1    . G   B 1 6 ? 7.620   -0.339  -0.019  1.00 18.43 ? 15  G   B N1    1 
ATOM   315 C  C2    . G   B 1 6 ? 8.473   -1.135  0.709   1.00 18.12 ? 15  G   B C2    1 
ATOM   316 N  N2    . G   B 1 6 ? 9.140   -2.077  0.028   1.00 17.73 ? 15  G   B N2    1 
ATOM   317 N  N3    . G   B 1 6 ? 8.660   -1.018  2.011   1.00 18.11 ? 15  G   B N3    1 
ATOM   318 C  C4    . G   B 1 6 ? 7.914   -0.025  2.542   1.00 19.36 ? 15  G   B C4    1 
ATOM   319 P  P     . C   B 1 7 ? 12.356  2.681   5.711   1.00 26.52 ? 16  C   B P     1 
ATOM   320 O  OP1   . C   B 1 7 ? 13.679  2.649   6.388   1.00 27.97 ? 16  C   B OP1   1 
ATOM   321 O  OP2   . C   B 1 7 ? 11.577  3.944   5.682   1.00 26.82 ? 16  C   B OP2   1 
ATOM   322 O  "O5'" . C   B 1 7 ? 12.556  2.196   4.206   1.00 26.08 ? 16  C   B "O5'" 1 
ATOM   323 C  "C5'" . C   B 1 7 ? 13.655  1.361   3.851   1.00 27.19 ? 16  C   B "C5'" 1 
ATOM   324 C  "C4'" . C   B 1 7 ? 13.521  0.878   2.425   1.00 26.10 ? 16  C   B "C4'" 1 
ATOM   325 O  "O4'" . C   B 1 7 ? 12.137  0.558   2.126   1.00 25.26 ? 16  C   B "O4'" 1 
ATOM   326 C  "C3'" . C   B 1 7 ? 13.891  1.871   1.338   1.00 26.91 ? 16  C   B "C3'" 1 
ATOM   327 O  "O3'" . C   B 1 7 ? 15.302  1.927   1.165   1.00 28.61 ? 16  C   B "O3'" 1 
ATOM   328 C  "C2'" . C   B 1 7 ? 13.210  1.256   0.121   1.00 25.83 ? 16  C   B "C2'" 1 
ATOM   329 O  "O2'" . C   B 1 7 ? 13.949  0.191   -0.443  1.00 25.43 ? 16  C   B "O2'" 1 
ATOM   330 C  "C1'" . C   B 1 7 ? 11.909  0.729   0.735   1.00 24.52 ? 16  C   B "C1'" 1 
ATOM   331 N  N1    . C   B 1 7 ? 10.793  1.671   0.551   1.00 22.76 ? 16  C   B N1    1 
ATOM   332 C  C2    . C   B 1 7 ? 10.228  1.794   -0.722  1.00 23.39 ? 16  C   B C2    1 
ATOM   333 O  O2    . C   B 1 7 ? 10.681  1.104   -1.650  1.00 22.18 ? 16  C   B O2    1 
ATOM   334 N  N3    . C   B 1 7 ? 9.206   2.660   -0.912  1.00 21.70 ? 16  C   B N3    1 
ATOM   335 C  C4    . C   B 1 7 ? 8.750   3.388   0.109   1.00 22.34 ? 16  C   B C4    1 
ATOM   336 N  N4    . C   B 1 7 ? 7.742   4.234   -0.127  1.00 22.43 ? 16  C   B N4    1 
ATOM   337 C  C5    . C   B 1 7 ? 9.306   3.281   1.419   1.00 22.54 ? 16  C   B C5    1 
ATOM   338 C  C6    . C   B 1 7 ? 10.317  2.417   1.594   1.00 22.89 ? 16  C   B C6    1 
HETATM 339 BR BR    . CBR B 1 8 ? 11.749  5.522   0.015   1.00 35.07 ? 17  CBR B BR    1 
HETATM 340 P  P     . CBR B 1 8 ? 15.944  3.042   0.198   1.00 30.84 ? 17  CBR B P     1 
HETATM 341 O  OP1   . CBR B 1 8 ? 15.320  4.343   0.542   1.00 32.40 ? 17  CBR B OP1   1 
HETATM 342 O  OP2   . CBR B 1 8 ? 17.420  2.898   0.252   1.00 32.59 ? 17  CBR B OP2   1 
HETATM 343 O  "O5'" . CBR B 1 8 ? 15.438  2.629   -1.255  1.00 33.25 ? 17  CBR B "O5'" 1 
HETATM 344 N  N1    . CBR B 1 8 ? 12.620  4.180   -3.756  1.00 31.44 ? 17  CBR B N1    1 
HETATM 345 C  C6    . CBR B 1 8 ? 12.652  4.429   -2.412  1.00 30.97 ? 17  CBR B C6    1 
HETATM 346 C  C2    . CBR B 1 8 ? 11.586  4.703   -4.547  1.00 30.11 ? 17  CBR B C2    1 
HETATM 347 O  O2    . CBR B 1 8 ? 11.590  4.480   -5.768  1.00 28.98 ? 17  CBR B O2    1 
HETATM 348 N  N3    . CBR B 1 8 ? 10.612  5.441   -3.963  1.00 30.31 ? 17  CBR B N3    1 
HETATM 349 C  C4    . CBR B 1 8 ? 10.650  5.670   -2.648  1.00 30.46 ? 17  CBR B C4    1 
HETATM 350 N  N4    . CBR B 1 8 ? 9.667   6.395   -2.112  1.00 31.02 ? 17  CBR B N4    1 
HETATM 351 C  C5    . CBR B 1 8 ? 11.698  5.161   -1.828  1.00 31.27 ? 17  CBR B C5    1 
HETATM 352 C  "C2'" . CBR B 1 8 ? 14.862  4.147   -4.881  1.00 34.75 ? 17  CBR B "C2'" 1 
HETATM 353 C  "C5'" . CBR B 1 8 ? 16.332  2.595   -2.366  1.00 34.36 ? 17  CBR B "C5'" 1 
HETATM 354 C  "C4'" . CBR B 1 8 ? 15.580  2.246   -3.630  1.00 35.23 ? 17  CBR B "C4'" 1 
HETATM 355 O  "O4'" . CBR B 1 8 ? 14.160  2.451   -3.425  1.00 33.88 ? 17  CBR B "O4'" 1 
HETATM 356 C  "C1'" . CBR B 1 8 ? 13.659  3.361   -4.396  1.00 33.30 ? 17  CBR B "C1'" 1 
HETATM 357 C  "C3'" . CBR B 1 8 ? 15.957  3.096   -4.843  1.00 35.87 ? 17  CBR B "C3'" 1 
HETATM 358 O  "O3'" . CBR B 1 8 ? 15.902  2.301   -6.030  1.00 38.17 ? 17  CBR B "O3'" 1 
HETATM 359 MG MG    . MG  C 2 . ? 1.421   -1.431  -4.343  1.00 36.22 ? 191 MG  A MG    1 
HETATM 360 MG MG    . MG  D 2 . ? 2.969   4.756   -0.849  1.00 25.16 ? 192 MG  B MG    1 
HETATM 361 O  O     . HOH E 3 . ? 10.438  1.413   -7.930  1.00 39.32 ? 107 HOH A O     1 
HETATM 362 O  O     . HOH E 3 . ? -10.891 -7.857  2.684   1.00 30.72 ? 108 HOH A O     1 
HETATM 363 O  O     . HOH E 3 . ? -7.748  -8.025  1.244   1.00 29.31 ? 109 HOH A O     1 
HETATM 364 O  O     . HOH E 3 . ? -7.557  -5.863  -2.131  1.00 24.06 ? 110 HOH A O     1 
HETATM 365 O  O     . HOH E 3 . ? -4.413  -10.018 0.885   1.00 31.05 ? 111 HOH A O     1 
HETATM 366 O  O     . HOH E 3 . ? -3.234  -7.783  -0.279  1.00 36.83 ? 112 HOH A O     1 
HETATM 367 O  O     . HOH E 3 . ? -0.381  -8.004  -0.193  1.00 19.57 ? 113 HOH A O     1 
HETATM 368 O  O     . HOH E 3 . ? 1.185   -7.676  -2.507  1.00 30.45 ? 114 HOH A O     1 
HETATM 369 O  O     . HOH E 3 . ? 2.892   -5.887  -4.040  1.00 22.32 ? 115 HOH A O     1 
HETATM 370 O  O     . HOH E 3 . ? 3.219   -2.218  -4.376  1.00 29.83 ? 116 HOH A O     1 
HETATM 371 O  O     . HOH E 3 . ? -4.518  -6.098  -2.268  1.00 18.80 ? 117 HOH A O     1 
HETATM 372 O  O     . HOH E 3 . ? 0.813   -11.880 -1.274  1.00 17.69 ? 118 HOH A O     1 
HETATM 373 O  O     . HOH E 3 . ? -1.460  -4.965  -2.100  1.00 25.27 ? 119 HOH A O     1 
HETATM 374 O  O     . HOH E 3 . ? 0.711   -3.306  -3.633  1.00 22.70 ? 120 HOH A O     1 
HETATM 375 O  O     . HOH E 3 . ? -2.034  -2.073  -2.610  1.00 24.96 ? 121 HOH A O     1 
HETATM 376 O  O     . HOH E 3 . ? -2.672  -1.725  7.118   1.00 21.62 ? 127 HOH A O     1 
HETATM 377 O  O     . HOH E 3 . ? -7.785  0.121   5.145   1.00 14.20 ? 131 HOH A O     1 
HETATM 378 O  O     . HOH E 3 . ? -5.860  -4.953  10.075  1.00 41.41 ? 132 HOH A O     1 
HETATM 379 O  O     . HOH E 3 . ? -9.148  -1.026  9.150   1.00 28.99 ? 133 HOH A O     1 
HETATM 380 O  O     . HOH E 3 . ? -5.599  -9.408  8.005   1.00 31.79 ? 135 HOH A O     1 
HETATM 381 O  O     . HOH E 3 . ? -5.691  -2.328  8.163   1.00 27.14 ? 137 HOH A O     1 
HETATM 382 O  O     . HOH E 3 . ? 1.851   6.390   -1.331  1.00 42.50 ? 139 HOH A O     1 
HETATM 383 O  O     . HOH E 3 . ? 4.053   5.215   -2.547  1.00 26.03 ? 140 HOH A O     1 
HETATM 384 O  O     . HOH E 3 . ? 1.243   10.331  -4.605  1.00 37.60 ? 144 HOH A O     1 
HETATM 385 O  O     . HOH E 3 . ? -0.558  9.923   -6.940  1.00 37.85 ? 145 HOH A O     1 
HETATM 386 O  O     . HOH E 3 . ? 4.365   -4.749  5.660   1.00 24.85 ? 148 HOH A O     1 
HETATM 387 O  O     . HOH E 3 . ? 3.595   8.238   -3.565  1.00 48.75 ? 149 HOH A O     1 
HETATM 388 O  O     . HOH E 3 . ? 5.587   7.486   -1.910  1.00 47.91 ? 150 HOH A O     1 
HETATM 389 O  O     . HOH E 3 . ? 5.563   -4.202  7.945   1.00 31.30 ? 151 HOH A O     1 
HETATM 390 O  O     . HOH E 3 . ? 12.136  0.127   -5.467  1.00 38.92 ? 152 HOH A O     1 
HETATM 391 O  O     . HOH E 3 . ? 8.211   -0.213  -12.421 1.00 42.83 ? 153 HOH A O     1 
HETATM 392 O  O     . HOH E 3 . ? 8.286   -5.691  7.435   1.00 35.66 ? 154 HOH A O     1 
HETATM 393 O  O     . HOH E 3 . ? -2.304  -12.397 4.073   1.00 19.95 ? 155 HOH A O     1 
HETATM 394 O  O     . HOH E 3 . ? -15.615 1.123   2.600   1.00 25.07 ? 156 HOH A O     1 
HETATM 395 O  O     . HOH E 3 . ? 1.929   -0.386  -2.485  1.00 35.71 ? 162 HOH A O     1 
HETATM 396 O  O     . HOH E 3 . ? -4.041  -11.436 5.977   1.00 30.91 ? 165 HOH A O     1 
HETATM 397 O  O     . HOH E 3 . ? -9.861  -6.835  9.370   1.00 33.18 ? 168 HOH A O     1 
HETATM 398 O  O     . HOH E 3 . ? -2.408  -12.095 1.329   1.00 28.97 ? 170 HOH A O     1 
HETATM 399 O  O     . HOH E 3 . ? -13.205 -7.493  6.705   1.00 33.03 ? 171 HOH A O     1 
HETATM 400 O  O     . HOH E 3 . ? 3.710   -2.389  -6.930  1.00 37.43 ? 172 HOH A O     1 
HETATM 401 O  O     . HOH E 3 . ? 4.894   -9.210  -7.407  1.00 45.33 ? 175 HOH A O     1 
HETATM 402 O  O     . HOH E 3 . ? -8.784  -3.613  9.072   1.00 34.09 ? 176 HOH A O     1 
HETATM 403 O  O     . HOH E 3 . ? -20.414 -0.210  0.384   1.00 36.69 ? 177 HOH A O     1 
HETATM 404 O  O     . HOH E 3 . ? -12.909 -9.825  3.519   1.00 43.69 ? 179 HOH A O     1 
HETATM 405 O  O     . HOH E 3 . ? 1.142   -1.820  -6.474  1.00 35.80 ? 180 HOH A O     1 
HETATM 406 O  O     . HOH E 3 . ? -7.386  -7.638  9.359   1.00 44.72 ? 183 HOH A O     1 
HETATM 407 O  O     . HOH E 3 . ? 1.457   0.629   -5.249  1.00 47.34 ? 184 HOH A O     1 
HETATM 408 O  O     . HOH E 3 . ? -7.665  -10.875 9.504   1.00 43.08 ? 186 HOH A O     1 
HETATM 409 O  O     . HOH F 3 . ? 5.231   4.375   2.622   1.00 23.75 ? 101 HOH B O     1 
HETATM 410 O  O     . HOH F 3 . ? 4.432   5.255   5.083   1.00 28.95 ? 102 HOH B O     1 
HETATM 411 O  O     . HOH F 3 . ? 1.141   5.517   3.284   1.00 25.29 ? 103 HOH B O     1 
HETATM 412 O  O     . HOH F 3 . ? -1.168  3.766   0.655   1.00 24.92 ? 104 HOH B O     1 
HETATM 413 O  O     . HOH F 3 . ? 10.076  -2.879  -2.516  1.00 22.61 ? 105 HOH B O     1 
HETATM 414 O  O     . HOH F 3 . ? -0.789  4.559   -1.855  1.00 34.22 ? 106 HOH B O     1 
HETATM 415 O  O     . HOH F 3 . ? -0.692  -0.545  -4.026  1.00 36.92 ? 122 HOH B O     1 
HETATM 416 O  O     . HOH F 3 . ? 0.346   1.133   -1.100  1.00 28.14 ? 123 HOH B O     1 
HETATM 417 O  O     . HOH F 3 . ? -4.624  1.147   -5.680  1.00 28.57 ? 124 HOH B O     1 
HETATM 418 O  O     . HOH F 3 . ? 8.581   7.688   0.228   1.00 44.87 ? 125 HOH B O     1 
HETATM 419 O  O     . HOH F 3 . ? 11.636  7.203   2.747   1.00 49.32 ? 126 HOH B O     1 
HETATM 420 O  O     . HOH F 3 . ? -2.627  0.156   8.941   1.00 21.67 ? 128 HOH B O     1 
HETATM 421 O  O     . HOH F 3 . ? -4.733  1.672   8.067   1.00 18.44 ? 129 HOH B O     1 
HETATM 422 O  O     . HOH F 3 . ? -5.207  1.632   5.165   1.00 12.94 ? 130 HOH B O     1 
HETATM 423 O  O     . HOH F 3 . ? -6.501  0.027   9.353   1.00 25.90 ? 134 HOH B O     1 
HETATM 424 O  O     . HOH F 3 . ? -8.303  3.172   3.291   1.00 15.12 ? 136 HOH B O     1 
HETATM 425 O  O     . HOH F 3 . ? 3.859   2.909   -0.765  1.00 25.13 ? 138 HOH B O     1 
HETATM 426 O  O     . HOH F 3 . ? 1.811   4.217   0.813   1.00 25.64 ? 141 HOH B O     1 
HETATM 427 O  O     . HOH F 3 . ? 12.163  -1.116  -2.876  1.00 27.10 ? 142 HOH B O     1 
HETATM 428 O  O     . HOH F 3 . ? 10.298  -3.223  3.637   1.00 33.15 ? 143 HOH B O     1 
HETATM 429 O  O     . HOH F 3 . ? -9.646  4.421   1.247   1.00 26.73 ? 157 HOH B O     1 
HETATM 430 O  O     . HOH F 3 . ? -12.145 6.086   -4.498  1.00 26.50 ? 158 HOH B O     1 
HETATM 431 O  O     . HOH F 3 . ? -6.623  -1.837  -7.175  1.00 29.23 ? 159 HOH B O     1 
HETATM 432 O  O     . HOH F 3 . ? -9.698  8.832   -0.774  1.00 26.63 ? 160 HOH B O     1 
HETATM 433 O  O     . HOH F 3 . ? -4.145  -1.466  -4.437  1.00 31.88 ? 161 HOH B O     1 
HETATM 434 O  O     . HOH F 3 . ? -5.144  2.546   -8.283  1.00 29.93 ? 163 HOH B O     1 
HETATM 435 O  O     . HOH F 3 . ? -4.324  9.344   5.047   1.00 36.12 ? 164 HOH B O     1 
HETATM 436 O  O     . HOH F 3 . ? -0.940  3.943   10.610  1.00 33.92 ? 166 HOH B O     1 
HETATM 437 O  O     . HOH F 3 . ? -7.612  10.684  -0.624  1.00 37.34 ? 167 HOH B O     1 
HETATM 438 O  O     . HOH F 3 . ? -4.523  7.722   -9.374  1.00 40.07 ? 169 HOH B O     1 
HETATM 439 O  O     . HOH F 3 . ? -6.458  -3.016  -4.756  1.00 40.50 ? 173 HOH B O     1 
HETATM 440 O  O     . HOH F 3 . ? -12.807 4.226   -2.320  1.00 38.65 ? 174 HOH B O     1 
HETATM 441 O  O     . HOH F 3 . ? 11.589  4.919   8.280   1.00 36.03 ? 178 HOH B O     1 
HETATM 442 O  O     . HOH F 3 . ? -1.756  7.045   -2.008  1.00 36.84 ? 181 HOH B O     1 
HETATM 443 O  O     . HOH F 3 . ? 2.962   7.940   2.605   1.00 40.59 ? 182 HOH B O     1 
HETATM 444 O  O     . HOH F 3 . ? 6.196   6.395   10.826  1.00 44.46 ? 185 HOH B O     1 
HETATM 445 O  O     . HOH F 3 . ? -3.812  5.235   -4.418  1.00 35.80 ? 187 HOH B O     1 
HETATM 446 O  O     . HOH F 3 . ? -6.036  0.247   11.985  1.00 41.35 ? 188 HOH B O     1 
HETATM 447 O  O     . HOH F 3 . ? -13.077 3.332   -4.962  1.00 42.07 ? 189 HOH B O     1 
HETATM 448 O  O     . HOH F 3 . ? 19.998  3.018   -1.355  1.00 44.13 ? 190 HOH B O     1 
# 
